data_5OD5
#
_entry.id   5OD5
#
_cell.length_a   56.692
_cell.length_b   62.759
_cell.length_c   68.195
_cell.angle_alpha   87.380
_cell.angle_beta   76.900
_cell.angle_gamma   79.270
#
_symmetry.space_group_name_H-M   'P 1'
#
loop_
_entity.id
_entity.type
_entity.pdbx_description
1 polymer 'Enterochelin ABC transporter substrate-binding protein'
2 non-polymer 'FE (III) ION'
3 non-polymer 'IRIDIUM ION'
4 non-polymer Azotochelin
5 non-polymer 4-(aminomethyl)-~{N}-(pyridin-2-ylmethyl)benzenesulfonamide
6 non-polymer [(1,2,3,4,5-Eta)-1,2,3,4,5-Pentamethylcyclopentadienyl]iridium(III)
7 non-polymer 'PHOSPHATE ION'
8 non-polymer 2,5,8,11,14,17,20,23-OCTAOXAPENTACOSAN-25-OL
9 water water
#
_entity_poly.entity_id   1
_entity_poly.type   'polypeptide(L)'
_entity_poly.pdbx_seq_one_letter_code
;MLPISMSDEGDSFLVKDSLGENKIPKNPSKVVILDLGILDTFDALKLNDKVVGVPAKNLPKYLQQFKNKPSVGGVQQVDF
EAINALKPDLIIISGRQSKFYDKLKEIAPTLFVGLDNANFLSSFENNVLSVAKLYGLEKEALEKISDIKNEIEKAKSIVD
EDKKALIILTNSNKISAFGPQSRFGIIHDVLGINAVDENIKVGTHGKSINSEFILEKNPDYIFVVDRNVILGNKERAQGI
LDNALVAKTKAAQNKKIIYLDPEYWYLASGNGLESLKTMILEIKNAVK
;
_entity_poly.pdbx_strand_id   A,B,C
#
loop_
_chem_comp.id
_chem_comp.type
_chem_comp.name
_chem_comp.formula
7PG non-polymer 2,5,8,11,14,17,20,23-OCTAOXAPENTACOSAN-25-OL 'C17 H36 O9'
95B non-polymer Azotochelin 'C20 H22 N2 O8'
9RT non-polymer 4-(aminomethyl)-~{N}-(pyridin-2-ylmethyl)benzenesulfonamide 'C13 H15 N3 O2 S'
FE non-polymer 'FE (III) ION' 'Fe 3'
IR non-polymer 'IRIDIUM ION' 'Ir 4'
PO4 non-polymer 'PHOSPHATE ION' 'O4 P -3'
RIR non-polymer [(1,2,3,4,5-Eta)-1,2,3,4,5-Pentamethylcyclopentadienyl]iridium(III) 'C10 H15 Ir'
#
# COMPACT_ATOMS: atom_id res chain seq x y z
N MET A 1 26.51 -6.07 -24.22
CA MET A 1 25.23 -6.18 -23.46
C MET A 1 24.06 -6.67 -24.30
N LEU A 2 23.66 -7.91 -24.06
CA LEU A 2 22.62 -8.54 -24.84
C LEU A 2 21.26 -7.85 -24.55
N PRO A 3 20.50 -7.50 -25.59
CA PRO A 3 19.15 -6.97 -25.38
C PRO A 3 18.20 -8.04 -24.90
N ILE A 4 17.21 -7.66 -24.12
CA ILE A 4 16.23 -8.60 -23.71
C ILE A 4 15.33 -9.04 -24.91
N SER A 5 15.17 -10.35 -25.08
CA SER A 5 14.37 -11.01 -26.17
C SER A 5 13.28 -11.79 -25.52
N MET A 6 12.10 -11.82 -26.13
CA MET A 6 10.91 -12.48 -25.53
C MET A 6 10.20 -13.24 -26.63
N SER A 7 9.77 -14.47 -26.38
CA SER A 7 8.90 -15.12 -27.36
C SER A 7 7.63 -15.59 -26.68
N ASP A 8 6.52 -15.25 -27.32
CA ASP A 8 5.20 -15.55 -26.82
C ASP A 8 4.93 -17.05 -26.75
N GLU A 9 4.53 -17.56 -25.57
CA GLU A 9 4.15 -18.98 -25.37
C GLU A 9 2.73 -19.13 -24.87
N GLY A 10 1.86 -18.19 -25.20
CA GLY A 10 0.49 -18.25 -24.75
C GLY A 10 0.26 -17.63 -23.37
N ASP A 11 0.54 -18.38 -22.31
CA ASP A 11 0.31 -17.91 -20.91
C ASP A 11 1.57 -17.28 -20.29
N SER A 12 2.64 -17.20 -21.06
CA SER A 12 3.96 -16.95 -20.52
C SER A 12 4.86 -16.58 -21.70
N PHE A 13 5.98 -15.92 -21.40
CA PHE A 13 7.02 -15.58 -22.37
C PHE A 13 8.32 -16.33 -22.04
N LEU A 14 9.00 -16.73 -23.08
CA LEU A 14 10.34 -17.21 -22.95
C LEU A 14 11.26 -16.02 -23.14
N VAL A 15 12.02 -15.72 -22.10
CA VAL A 15 12.74 -14.44 -22.03
C VAL A 15 14.21 -14.67 -21.88
N LYS A 16 14.99 -14.06 -22.74
CA LYS A 16 16.42 -14.18 -22.75
C LYS A 16 17.03 -12.83 -22.46
N ASP A 17 17.99 -12.79 -21.55
CA ASP A 17 18.75 -11.55 -21.31
C ASP A 17 20.21 -11.92 -21.10
N SER A 18 21.06 -10.95 -20.85
CA SER A 18 22.46 -11.13 -20.55
C SER A 18 22.79 -12.23 -19.55
N LEU A 19 21.95 -12.47 -18.54
CA LEU A 19 22.33 -13.43 -17.52
C LEU A 19 21.76 -14.80 -17.82
N GLY A 20 20.78 -14.94 -18.70
CA GLY A 20 20.20 -16.24 -18.89
C GLY A 20 18.79 -16.24 -19.42
N GLU A 21 18.10 -17.32 -19.19
CA GLU A 21 16.83 -17.55 -19.78
C GLU A 21 15.83 -17.84 -18.71
N ASN A 22 14.60 -17.36 -18.89
CA ASN A 22 13.50 -17.59 -17.93
C ASN A 22 12.17 -17.77 -18.70
N LYS A 23 11.28 -18.58 -18.13
CA LYS A 23 9.88 -18.56 -18.43
C LYS A 23 9.20 -17.58 -17.49
N ILE A 24 8.62 -16.53 -18.04
CA ILE A 24 7.95 -15.51 -17.23
C ILE A 24 6.48 -15.54 -17.55
N PRO A 25 5.62 -15.72 -16.54
CA PRO A 25 4.23 -15.77 -16.87
C PRO A 25 3.76 -14.41 -17.34
N LYS A 26 2.71 -14.41 -18.14
CA LYS A 26 2.05 -13.16 -18.54
C LYS A 26 1.40 -12.58 -17.33
N ASN A 27 1.44 -11.27 -17.24
CA ASN A 27 0.74 -10.58 -16.17
C ASN A 27 1.21 -11.07 -14.77
N PRO A 28 2.53 -11.11 -14.53
CA PRO A 28 2.94 -11.50 -13.18
C PRO A 28 2.32 -10.66 -12.06
N SER A 29 1.96 -11.31 -11.00
CA SER A 29 1.14 -10.66 -9.96
C SER A 29 1.88 -10.50 -8.61
N LYS A 30 3.10 -10.96 -8.51
CA LYS A 30 3.83 -10.93 -7.28
C LYS A 30 5.27 -10.69 -7.58
N VAL A 31 5.59 -9.45 -7.88
CA VAL A 31 6.89 -9.08 -8.39
C VAL A 31 7.76 -8.43 -7.30
N VAL A 32 8.97 -8.96 -7.17
CA VAL A 32 10.04 -8.39 -6.30
C VAL A 32 10.90 -7.59 -7.18
N ILE A 33 11.08 -6.31 -6.84
CA ILE A 33 11.85 -5.41 -7.69
C ILE A 33 13.05 -4.87 -6.86
N LEU A 34 14.24 -5.14 -7.34
CA LEU A 34 15.49 -4.70 -6.73
C LEU A 34 16.11 -3.51 -7.44
N ASP A 35 15.64 -3.19 -8.62
CA ASP A 35 16.12 -2.02 -9.36
C ASP A 35 15.17 -0.84 -9.17
N LEU A 36 15.66 0.30 -8.72
CA LEU A 36 14.82 1.41 -8.35
C LEU A 36 14.19 2.11 -9.53
N GLY A 37 14.92 2.22 -10.63
CA GLY A 37 14.36 2.72 -11.82
C GLY A 37 13.18 1.96 -12.38
N ILE A 38 13.33 0.66 -12.46
CA ILE A 38 12.20 -0.20 -12.89
C ILE A 38 11.01 -0.15 -11.92
N LEU A 39 11.27 0.03 -10.62
CA LEU A 39 10.19 0.33 -9.65
C LEU A 39 9.38 1.56 -10.04
N ASP A 40 10.09 2.60 -10.42
CA ASP A 40 9.44 3.80 -10.89
C ASP A 40 8.66 3.59 -12.20
N THR A 41 9.22 2.80 -13.10
CA THR A 41 8.51 2.42 -14.29
C THR A 41 7.24 1.61 -13.97
N PHE A 42 7.31 0.73 -12.96
CA PHE A 42 6.06 0.05 -12.53
C PHE A 42 4.97 1.08 -12.13
N ASP A 43 5.39 2.11 -11.39
CA ASP A 43 4.45 3.15 -11.01
C ASP A 43 3.92 3.88 -12.22
N ALA A 44 4.79 4.19 -13.16
CA ALA A 44 4.38 4.97 -14.31
C ALA A 44 3.38 4.20 -15.20
N LEU A 45 3.49 2.90 -15.24
CA LEU A 45 2.56 2.03 -16.02
C LEU A 45 1.33 1.57 -15.21
N LYS A 46 1.20 2.03 -13.96
CA LYS A 46 0.10 1.73 -13.02
C LYS A 46 0.07 0.24 -12.64
N LEU A 47 1.27 -0.28 -12.35
CA LEU A 47 1.43 -1.64 -12.02
C LEU A 47 1.76 -1.82 -10.54
N ASN A 48 1.44 -0.82 -9.73
CA ASN A 48 1.84 -0.79 -8.32
C ASN A 48 1.36 -2.01 -7.60
N ASP A 49 0.14 -2.45 -7.96
CA ASP A 49 -0.44 -3.63 -7.27
C ASP A 49 0.21 -4.96 -7.64
N LYS A 50 1.01 -4.98 -8.67
CA LYS A 50 1.77 -6.20 -8.99
C LYS A 50 3.03 -6.41 -8.08
N VAL A 51 3.43 -5.36 -7.37
CA VAL A 51 4.68 -5.36 -6.63
C VAL A 51 4.48 -5.87 -5.22
N VAL A 52 5.26 -6.86 -4.81
CA VAL A 52 5.18 -7.44 -3.45
C VAL A 52 6.42 -7.29 -2.61
N GLY A 53 7.47 -6.79 -3.19
CA GLY A 53 8.71 -6.56 -2.42
C GLY A 53 9.61 -5.54 -3.05
N VAL A 54 10.11 -4.65 -2.21
CA VAL A 54 11.00 -3.58 -2.65
C VAL A 54 12.18 -3.45 -1.65
N PRO A 55 13.24 -2.81 -2.07
CA PRO A 55 14.40 -2.56 -1.18
C PRO A 55 14.13 -1.34 -0.34
N ALA A 56 13.42 -1.55 0.72
CA ALA A 56 12.96 -0.42 1.56
C ALA A 56 14.09 0.31 2.18
N LYS A 57 15.21 -0.36 2.43
CA LYS A 57 16.32 0.38 3.06
C LYS A 57 16.94 1.44 2.23
N ASN A 58 16.77 1.39 0.90
CA ASN A 58 17.34 2.43 0.04
C ASN A 58 16.19 3.20 -0.72
N LEU A 59 14.99 3.20 -0.18
CA LEU A 59 13.84 3.78 -0.93
C LEU A 59 13.93 5.30 -0.94
N PRO A 60 14.11 5.90 -2.10
CA PRO A 60 14.32 7.34 -2.13
C PRO A 60 13.03 8.14 -1.98
N LYS A 61 13.21 9.45 -1.92
CA LYS A 61 12.09 10.39 -1.70
C LYS A 61 10.93 10.31 -2.69
N TYR A 62 11.24 9.93 -3.94
CA TYR A 62 10.30 9.93 -5.01
C TYR A 62 9.59 8.61 -5.21
N LEU A 63 9.84 7.64 -4.33
CA LEU A 63 9.30 6.30 -4.41
C LEU A 63 8.66 5.95 -3.07
N GLN A 64 8.09 6.95 -2.37
CA GLN A 64 7.53 6.71 -1.05
C GLN A 64 6.17 6.03 -1.11
N GLN A 65 5.57 5.93 -2.28
CA GLN A 65 4.35 5.17 -2.42
C GLN A 65 4.54 3.66 -2.23
N PHE A 66 5.78 3.22 -2.18
CA PHE A 66 6.11 1.80 -1.98
C PHE A 66 6.59 1.51 -0.59
N LYS A 67 6.54 2.48 0.32
CA LYS A 67 6.94 2.20 1.74
C LYS A 67 5.98 1.15 2.36
N ASN A 68 4.72 1.05 1.93
CA ASN A 68 3.80 0.02 2.49
C ASN A 68 4.18 -1.38 2.08
N LYS A 69 5.00 -1.56 1.02
CA LYS A 69 5.27 -2.90 0.52
C LYS A 69 6.23 -3.59 1.43
N PRO A 70 6.12 -4.91 1.54
CA PRO A 70 7.18 -5.72 2.20
C PRO A 70 8.62 -5.41 1.76
N SER A 71 9.54 -5.31 2.73
CA SER A 71 10.91 -4.97 2.47
C SER A 71 11.67 -6.25 2.18
N VAL A 72 12.42 -6.24 1.08
CA VAL A 72 13.41 -7.29 0.81
C VAL A 72 14.85 -6.85 1.01
N GLY A 73 15.03 -5.82 1.82
CA GLY A 73 16.32 -5.30 2.21
C GLY A 73 16.74 -4.02 1.54
N GLY A 74 17.96 -4.01 0.99
CA GLY A 74 18.51 -2.86 0.28
C GLY A 74 18.97 -3.30 -1.11
N VAL A 75 19.47 -2.37 -1.92
CA VAL A 75 19.94 -2.72 -3.28
C VAL A 75 21.18 -3.57 -3.23
N GLN A 76 22.01 -3.41 -2.16
CA GLN A 76 23.14 -4.33 -1.93
C GLN A 76 22.79 -5.42 -0.87
N GLN A 77 22.09 -5.04 0.19
CA GLN A 77 21.77 -5.99 1.29
C GLN A 77 20.49 -6.75 0.94
N VAL A 78 20.58 -7.65 -0.01
CA VAL A 78 19.40 -8.39 -0.45
C VAL A 78 19.00 -9.44 0.58
N ASP A 79 17.75 -9.39 1.03
CA ASP A 79 17.24 -10.32 2.08
C ASP A 79 16.54 -11.50 1.44
N PHE A 80 17.30 -12.58 1.26
CA PHE A 80 16.84 -13.82 0.58
C PHE A 80 15.72 -14.57 1.29
N GLU A 81 15.71 -14.54 2.61
CA GLU A 81 14.66 -15.11 3.42
C GLU A 81 13.32 -14.38 3.18
N ALA A 82 13.38 -13.06 3.13
CA ALA A 82 12.22 -12.23 2.88
C ALA A 82 11.67 -12.51 1.50
N ILE A 83 12.54 -12.50 0.48
CA ILE A 83 12.11 -12.77 -0.90
C ILE A 83 11.43 -14.09 -0.98
N ASN A 84 12.10 -15.15 -0.50
CA ASN A 84 11.49 -16.47 -0.47
C ASN A 84 10.10 -16.55 0.22
N ALA A 85 9.93 -15.90 1.38
CA ALA A 85 8.65 -15.92 2.10
C ALA A 85 7.51 -15.23 1.34
N LEU A 86 7.81 -14.25 0.48
CA LEU A 86 6.79 -13.62 -0.33
C LEU A 86 6.27 -14.55 -1.41
N LYS A 87 7.08 -15.54 -1.80
CA LYS A 87 6.78 -16.47 -2.93
C LYS A 87 6.45 -15.74 -4.23
N PRO A 88 7.40 -14.97 -4.76
CA PRO A 88 7.11 -14.12 -5.89
C PRO A 88 7.00 -14.96 -7.16
N ASP A 89 6.44 -14.41 -8.22
CA ASP A 89 6.42 -15.09 -9.52
C ASP A 89 7.43 -14.49 -10.45
N LEU A 90 8.07 -13.40 -10.02
CA LEU A 90 9.06 -12.68 -10.80
C LEU A 90 9.93 -11.80 -9.87
N ILE A 91 11.24 -11.81 -10.09
CA ILE A 91 12.25 -10.99 -9.42
C ILE A 91 12.92 -10.17 -10.51
N ILE A 92 13.00 -8.85 -10.34
CA ILE A 92 13.65 -8.04 -11.36
C ILE A 92 14.86 -7.37 -10.76
N ILE A 93 15.99 -7.48 -11.43
CA ILE A 93 17.29 -6.99 -10.90
C ILE A 93 18.02 -6.15 -11.87
N SER A 94 18.96 -5.37 -11.37
CA SER A 94 19.93 -4.72 -12.32
C SER A 94 21.40 -5.09 -11.97
N GLY A 95 22.37 -4.26 -12.38
CA GLY A 95 23.78 -4.53 -12.16
C GLY A 95 24.20 -4.88 -10.76
N ARG A 96 23.62 -4.24 -9.74
CA ARG A 96 24.03 -4.51 -8.37
C ARG A 96 23.72 -5.89 -7.90
N GLN A 97 22.70 -6.56 -8.47
CA GLN A 97 22.30 -7.85 -7.97
C GLN A 97 22.73 -8.98 -8.86
N SER A 98 23.42 -8.72 -9.98
CA SER A 98 23.96 -9.78 -10.85
C SER A 98 24.72 -10.86 -10.04
N LYS A 99 25.49 -10.42 -9.09
CA LYS A 99 26.25 -11.35 -8.24
C LYS A 99 25.36 -12.34 -7.47
N PHE A 100 24.06 -12.04 -7.36
CA PHE A 100 23.11 -12.86 -6.59
C PHE A 100 22.19 -13.64 -7.51
N TYR A 101 22.48 -13.60 -8.80
CA TYR A 101 21.57 -14.11 -9.75
C TYR A 101 21.20 -15.55 -9.50
N ASP A 102 22.17 -16.44 -9.21
CA ASP A 102 21.80 -17.87 -9.09
C ASP A 102 20.92 -18.16 -7.88
N LYS A 103 21.21 -17.54 -6.75
CA LYS A 103 20.36 -17.68 -5.59
C LYS A 103 18.99 -17.13 -5.85
N LEU A 104 18.90 -16.04 -6.60
CA LEU A 104 17.56 -15.43 -6.81
C LEU A 104 16.81 -16.34 -7.79
N LYS A 105 17.50 -16.82 -8.80
CA LYS A 105 16.85 -17.73 -9.77
C LYS A 105 16.34 -19.07 -9.17
N GLU A 106 16.87 -19.51 -8.04
CA GLU A 106 16.27 -20.60 -7.26
C GLU A 106 14.92 -20.29 -6.60
N ILE A 107 14.58 -19.01 -6.41
CA ILE A 107 13.33 -18.64 -5.77
C ILE A 107 12.32 -18.43 -6.87
N ALA A 108 12.68 -17.72 -7.94
CA ALA A 108 11.68 -17.39 -9.00
C ALA A 108 12.43 -16.93 -10.22
N PRO A 109 11.76 -16.88 -11.38
CA PRO A 109 12.30 -16.31 -12.65
C PRO A 109 12.81 -14.91 -12.38
N THR A 110 14.00 -14.62 -12.87
CA THR A 110 14.76 -13.42 -12.46
C THR A 110 15.15 -12.72 -13.74
N LEU A 111 14.55 -11.55 -13.97
CA LEU A 111 14.75 -10.75 -15.16
C LEU A 111 15.82 -9.72 -14.88
N PHE A 112 16.79 -9.59 -15.80
CA PHE A 112 17.87 -8.62 -15.71
C PHE A 112 17.59 -7.41 -16.54
N VAL A 113 17.51 -6.25 -15.88
CA VAL A 113 17.27 -4.98 -16.59
C VAL A 113 18.47 -4.07 -16.43
N GLY A 114 19.62 -4.56 -16.87
CA GLY A 114 20.87 -3.75 -16.81
C GLY A 114 20.87 -2.60 -17.78
N LEU A 115 21.47 -1.50 -17.38
CA LEU A 115 21.66 -0.39 -18.25
C LEU A 115 23.04 -0.49 -18.84
N ASP A 116 23.12 -0.40 -20.16
CA ASP A 116 24.42 -0.51 -20.82
C ASP A 116 24.94 0.91 -20.95
N ASN A 117 26.04 1.20 -20.28
CA ASN A 117 26.56 2.59 -20.30
C ASN A 117 27.05 3.02 -21.67
N ALA A 118 27.41 2.06 -22.50
CA ALA A 118 27.84 2.38 -23.87
C ALA A 118 26.65 2.50 -24.76
N ASN A 119 25.45 2.17 -24.27
CA ASN A 119 24.27 2.17 -25.16
C ASN A 119 23.03 2.51 -24.35
N PHE A 120 23.02 3.67 -23.74
CA PHE A 120 22.11 3.89 -22.61
C PHE A 120 20.68 3.91 -23.10
N LEU A 121 20.44 4.73 -24.09
CA LEU A 121 19.09 4.89 -24.56
C LEU A 121 18.42 3.59 -25.06
N SER A 122 19.16 2.78 -25.83
CA SER A 122 18.61 1.50 -26.33
C SER A 122 18.35 0.52 -25.22
N SER A 123 19.26 0.38 -24.26
CA SER A 123 19.00 -0.56 -23.19
C SER A 123 17.76 -0.09 -22.35
N PHE A 124 17.69 1.23 -22.09
CA PHE A 124 16.57 1.80 -21.28
C PHE A 124 15.24 1.41 -21.97
N GLU A 125 15.15 1.65 -23.30
CA GLU A 125 13.94 1.39 -24.06
C GLU A 125 13.60 -0.04 -24.03
N ASN A 126 14.58 -0.89 -24.24
CA ASN A 126 14.39 -2.32 -24.22
C ASN A 126 13.95 -2.82 -22.79
N ASN A 127 14.52 -2.26 -21.75
CA ASN A 127 14.07 -2.61 -20.38
C ASN A 127 12.62 -2.22 -20.11
N VAL A 128 12.24 -0.99 -20.44
CA VAL A 128 10.88 -0.49 -20.26
C VAL A 128 9.92 -1.26 -21.13
N LEU A 129 10.30 -1.48 -22.37
CA LEU A 129 9.36 -2.18 -23.27
C LEU A 129 9.18 -3.65 -22.93
N SER A 130 10.22 -4.31 -22.48
CA SER A 130 10.14 -5.73 -22.09
C SER A 130 9.26 -5.90 -20.86
N VAL A 131 9.34 -4.96 -19.90
CA VAL A 131 8.37 -4.96 -18.77
C VAL A 131 6.95 -4.72 -19.23
N ALA A 132 6.78 -3.71 -20.08
CA ALA A 132 5.45 -3.38 -20.62
C ALA A 132 4.77 -4.58 -21.37
N LYS A 133 5.60 -5.29 -22.09
CA LYS A 133 5.16 -6.43 -22.90
C LYS A 133 4.63 -7.58 -22.02
N LEU A 134 5.17 -7.78 -20.83
CA LEU A 134 4.61 -8.74 -19.89
C LEU A 134 3.14 -8.43 -19.55
N TYR A 135 2.77 -7.14 -19.57
CA TYR A 135 1.44 -6.72 -19.19
C TYR A 135 0.53 -6.28 -20.31
N GLY A 136 0.99 -6.38 -21.55
CA GLY A 136 0.23 -5.75 -22.62
C GLY A 136 0.23 -4.25 -22.70
N LEU A 137 1.28 -3.55 -22.21
CA LEU A 137 1.20 -2.11 -22.05
C LEU A 137 2.13 -1.42 -22.93
N GLU A 138 2.49 -2.05 -24.03
CA GLU A 138 3.43 -1.46 -24.97
C GLU A 138 3.07 -0.10 -25.44
N LYS A 139 1.78 0.15 -25.66
CA LYS A 139 1.36 1.43 -26.14
C LYS A 139 1.62 2.55 -25.13
N GLU A 140 1.29 2.33 -23.84
CA GLU A 140 1.54 3.30 -22.78
C GLU A 140 3.03 3.56 -22.63
N ALA A 141 3.81 2.51 -22.74
CA ALA A 141 5.27 2.63 -22.61
C ALA A 141 5.89 3.48 -23.71
N LEU A 142 5.46 3.23 -24.95
CA LEU A 142 5.93 4.07 -26.08
C LEU A 142 5.57 5.57 -25.95
N GLU A 143 4.38 5.92 -25.46
CA GLU A 143 4.05 7.30 -25.26
C GLU A 143 4.97 7.90 -24.22
N LYS A 144 5.28 7.16 -23.15
CA LYS A 144 6.17 7.71 -22.12
C LYS A 144 7.62 7.74 -22.61
N ILE A 145 8.05 6.76 -23.41
CA ILE A 145 9.35 6.84 -24.02
C ILE A 145 9.45 8.07 -24.91
N SER A 146 8.37 8.34 -25.65
CA SER A 146 8.37 9.49 -26.55
C SER A 146 8.46 10.81 -25.72
N ASP A 147 7.84 10.89 -24.52
CA ASP A 147 8.01 12.04 -23.58
C ASP A 147 9.47 12.23 -23.17
N ILE A 148 10.16 11.13 -22.83
CA ILE A 148 11.58 11.23 -22.50
C ILE A 148 12.39 11.76 -23.67
N LYS A 149 12.06 11.30 -24.87
CA LYS A 149 12.83 11.80 -26.08
C LYS A 149 12.68 13.27 -26.24
N ASN A 150 11.46 13.75 -26.04
CA ASN A 150 11.16 15.17 -26.02
C ASN A 150 11.94 15.97 -24.99
N GLU A 151 12.03 15.45 -23.75
CA GLU A 151 12.85 16.11 -22.73
C GLU A 151 14.31 16.12 -23.06
N ILE A 152 14.82 15.04 -23.66
CA ILE A 152 16.19 15.01 -24.11
C ILE A 152 16.48 16.12 -25.10
N GLU A 153 15.58 16.33 -26.03
CA GLU A 153 15.82 17.32 -27.08
C GLU A 153 15.75 18.74 -26.49
N LYS A 154 14.89 18.96 -25.49
CA LYS A 154 14.83 20.26 -24.81
C LYS A 154 16.13 20.57 -24.10
N ALA A 155 16.69 19.57 -23.41
CA ALA A 155 17.99 19.67 -22.74
C ALA A 155 19.14 19.99 -23.70
N LYS A 156 19.27 19.12 -24.70
CA LYS A 156 20.29 19.25 -25.78
C LYS A 156 20.30 20.62 -26.43
N SER A 157 19.14 21.15 -26.75
CA SER A 157 19.04 22.41 -27.43
C SER A 157 19.60 23.60 -26.65
N ILE A 158 19.87 23.42 -25.35
CA ILE A 158 20.30 24.51 -24.48
C ILE A 158 21.76 24.42 -24.12
N VAL A 159 22.41 23.34 -24.51
CA VAL A 159 23.77 23.11 -24.13
C VAL A 159 24.68 24.09 -24.88
N ASP A 160 25.65 24.60 -24.14
CA ASP A 160 26.72 25.46 -24.64
C ASP A 160 27.90 24.52 -24.97
N GLU A 161 27.97 24.10 -26.23
CA GLU A 161 29.12 23.36 -26.84
C GLU A 161 30.58 23.93 -26.68
N ASP A 162 30.74 25.21 -26.28
CA ASP A 162 32.07 25.76 -25.91
C ASP A 162 32.48 25.40 -24.45
N LYS A 163 31.62 24.71 -23.70
CA LYS A 163 31.89 24.40 -22.28
C LYS A 163 32.08 22.93 -22.04
N LYS A 164 32.83 22.61 -21.00
CA LYS A 164 33.26 21.25 -20.76
C LYS A 164 33.05 20.95 -19.27
N ALA A 165 32.54 19.77 -19.02
CA ALA A 165 32.21 19.33 -17.66
C ALA A 165 33.10 18.20 -17.14
N LEU A 166 33.27 18.12 -15.84
CA LEU A 166 33.86 16.98 -15.26
C LEU A 166 32.84 16.39 -14.29
N ILE A 167 32.72 15.06 -14.30
CA ILE A 167 31.85 14.37 -13.37
C ILE A 167 32.67 13.72 -12.27
N ILE A 168 32.34 14.04 -11.01
CA ILE A 168 33.03 13.42 -9.88
C ILE A 168 32.09 12.80 -8.92
N LEU A 169 32.54 11.74 -8.29
CA LEU A 169 31.84 11.14 -7.17
C LEU A 169 32.71 11.35 -5.91
N THR A 170 32.09 11.63 -4.77
CA THR A 170 32.80 11.76 -3.50
C THR A 170 32.35 10.68 -2.53
N ASN A 171 33.33 10.03 -1.90
CA ASN A 171 33.14 8.88 -1.05
C ASN A 171 34.20 9.04 0.06
N SER A 172 33.74 9.11 1.29
CA SER A 172 34.49 9.69 2.40
C SER A 172 35.13 11.04 1.89
N ASN A 173 36.46 11.25 2.07
CA ASN A 173 37.12 12.45 1.49
C ASN A 173 37.71 12.19 0.11
N LYS A 174 37.45 11.00 -0.44
CA LYS A 174 38.00 10.61 -1.74
C LYS A 174 37.13 11.13 -2.91
N ILE A 175 37.80 11.54 -3.98
CA ILE A 175 37.18 12.07 -5.15
C ILE A 175 37.56 11.11 -6.22
N SER A 176 36.59 10.67 -7.04
CA SER A 176 36.85 9.90 -8.26
C SER A 176 36.16 10.50 -9.48
N ALA A 177 36.84 10.49 -10.63
CA ALA A 177 36.25 11.03 -11.86
C ALA A 177 35.68 9.96 -12.79
N PHE A 178 34.73 10.40 -13.60
CA PHE A 178 33.97 9.54 -14.46
C PHE A 178 33.79 10.32 -15.74
N GLY A 179 33.75 9.62 -16.86
CA GLY A 179 33.63 10.31 -18.15
C GLY A 179 32.58 9.68 -19.03
N PRO A 180 32.70 9.91 -20.34
CA PRO A 180 31.85 9.24 -21.30
C PRO A 180 31.76 7.72 -21.08
N GLN A 181 30.58 7.16 -21.29
CA GLN A 181 30.32 5.71 -21.21
C GLN A 181 30.53 5.11 -19.81
N SER A 182 30.51 5.94 -18.79
CA SER A 182 30.63 5.47 -17.41
C SER A 182 29.22 5.39 -16.82
N ARG A 183 29.13 5.03 -15.54
CA ARG A 183 27.83 4.94 -14.89
C ARG A 183 27.06 6.30 -14.85
N PHE A 184 27.76 7.41 -15.03
CA PHE A 184 27.13 8.75 -15.15
C PHE A 184 27.19 9.30 -16.60
N GLY A 185 27.41 8.42 -17.56
CA GLY A 185 27.79 8.79 -18.91
C GLY A 185 26.75 9.63 -19.62
N ILE A 186 25.47 9.44 -19.29
CA ILE A 186 24.40 10.16 -20.02
C ILE A 186 24.51 11.68 -20.09
N ILE A 187 25.24 12.29 -19.14
CA ILE A 187 25.48 13.73 -19.15
C ILE A 187 26.28 14.10 -20.43
N HIS A 188 27.32 13.30 -20.70
CA HIS A 188 28.13 13.36 -21.97
C HIS A 188 27.47 12.71 -23.24
N ASP A 189 26.92 11.51 -23.09
CA ASP A 189 26.53 10.65 -24.24
C ASP A 189 25.12 10.98 -24.78
N VAL A 190 24.19 11.31 -23.89
CA VAL A 190 22.82 11.57 -24.30
C VAL A 190 22.50 13.04 -24.33
N LEU A 191 22.95 13.80 -23.32
CA LEU A 191 22.62 15.22 -23.26
C LEU A 191 23.68 16.07 -23.94
N GLY A 192 24.72 15.44 -24.46
CA GLY A 192 25.69 16.11 -25.31
C GLY A 192 26.55 17.20 -24.66
N ILE A 193 26.72 17.14 -23.34
CA ILE A 193 27.66 18.04 -22.63
C ILE A 193 29.09 17.52 -22.82
N ASN A 194 29.99 18.41 -23.25
CA ASN A 194 31.38 18.02 -23.56
C ASN A 194 32.11 17.65 -22.31
N ALA A 195 32.89 16.59 -22.37
CA ALA A 195 33.75 16.22 -21.28
C ALA A 195 35.01 17.14 -21.24
N VAL A 196 35.53 17.46 -20.06
CA VAL A 196 36.83 18.17 -20.02
C VAL A 196 37.93 17.29 -20.57
N ASP A 197 37.91 16.05 -20.11
CA ASP A 197 38.93 15.07 -20.44
C ASP A 197 38.18 13.85 -20.98
N GLU A 198 38.07 13.78 -22.32
CA GLU A 198 37.57 12.57 -23.05
C GLU A 198 38.32 11.27 -22.71
N ASN A 199 39.55 11.39 -22.18
CA ASN A 199 40.41 10.22 -21.86
C ASN A 199 40.22 9.60 -20.51
N ILE A 200 39.38 10.18 -19.66
CA ILE A 200 38.82 9.43 -18.52
C ILE A 200 37.80 8.43 -19.13
N LYS A 201 38.17 7.14 -19.10
CA LYS A 201 37.34 6.04 -19.59
C LYS A 201 37.33 4.95 -18.51
N VAL A 202 36.17 4.80 -17.89
CA VAL A 202 35.97 3.98 -16.69
C VAL A 202 34.52 3.47 -16.70
N GLY A 203 34.18 2.61 -15.73
CA GLY A 203 32.83 2.05 -15.63
C GLY A 203 32.14 2.53 -14.37
N THR A 204 32.15 1.64 -13.38
CA THR A 204 31.48 1.86 -12.08
C THR A 204 32.40 2.41 -10.92
N HIS A 205 33.72 2.19 -11.02
N HIS A 205 33.72 2.16 -11.01
CA HIS A 205 34.69 2.52 -9.95
CA HIS A 205 34.71 2.52 -9.95
C HIS A 205 35.27 3.95 -10.03
C HIS A 205 35.32 3.94 -10.02
N GLY A 206 35.78 4.34 -11.20
CA GLY A 206 36.21 5.75 -11.46
C GLY A 206 37.71 5.98 -11.29
N LYS A 207 38.21 7.11 -11.77
CA LYS A 207 39.62 7.49 -11.67
C LYS A 207 39.84 8.27 -10.40
N SER A 208 40.75 7.78 -9.56
CA SER A 208 41.08 8.41 -8.27
C SER A 208 41.84 9.70 -8.51
N ILE A 209 41.40 10.82 -7.96
CA ILE A 209 41.93 12.16 -8.35
C ILE A 209 41.91 13.09 -7.17
N ASN A 210 42.45 14.27 -7.34
CA ASN A 210 42.55 15.20 -6.22
C ASN A 210 42.22 16.59 -6.72
N SER A 211 42.25 17.54 -5.79
CA SER A 211 41.90 18.91 -6.15
C SER A 211 42.85 19.58 -7.17
N GLU A 212 44.09 19.07 -7.29
CA GLU A 212 45.07 19.61 -8.25
C GLU A 212 44.73 19.17 -9.67
N PHE A 213 44.37 17.90 -9.84
CA PHE A 213 43.77 17.42 -11.12
C PHE A 213 42.60 18.31 -11.59
N ILE A 214 41.69 18.59 -10.65
CA ILE A 214 40.49 19.38 -10.98
C ILE A 214 40.89 20.80 -11.49
N LEU A 215 41.70 21.51 -10.68
CA LEU A 215 42.33 22.76 -11.17
C LEU A 215 43.07 22.56 -12.52
N GLU A 216 43.86 21.50 -12.67
CA GLU A 216 44.60 21.33 -13.93
C GLU A 216 43.65 21.36 -15.14
N LYS A 217 42.63 20.51 -15.09
CA LYS A 217 41.61 20.40 -16.15
C LYS A 217 40.77 21.67 -16.25
N ASN A 218 40.47 22.29 -15.11
CA ASN A 218 39.75 23.55 -15.09
C ASN A 218 38.44 23.47 -15.90
N PRO A 219 37.52 22.56 -15.49
CA PRO A 219 36.23 22.48 -16.19
C PRO A 219 35.31 23.70 -15.92
N ASP A 220 34.40 23.93 -16.85
CA ASP A 220 33.40 25.00 -16.73
C ASP A 220 32.26 24.56 -15.82
N TYR A 221 31.98 23.25 -15.84
CA TYR A 221 31.02 22.59 -14.93
C TYR A 221 31.64 21.41 -14.17
N ILE A 222 31.29 21.26 -12.92
CA ILE A 222 31.59 20.03 -12.20
C ILE A 222 30.25 19.49 -11.70
N PHE A 223 29.94 18.29 -12.11
CA PHE A 223 28.79 17.54 -11.65
C PHE A 223 29.31 16.56 -10.56
N VAL A 224 28.81 16.74 -9.36
CA VAL A 224 29.20 15.98 -8.21
C VAL A 224 28.06 15.05 -7.79
N VAL A 225 28.38 13.78 -7.60
CA VAL A 225 27.48 12.80 -7.03
C VAL A 225 28.05 12.40 -5.69
N ASP A 226 27.44 12.86 -4.61
CA ASP A 226 27.98 12.61 -3.30
C ASP A 226 27.51 11.29 -2.69
N ARG A 227 28.27 10.19 -2.87
CA ARG A 227 27.93 8.87 -2.28
C ARG A 227 27.84 8.89 -0.76
N ASN A 228 28.45 9.89 -0.12
CA ASN A 228 28.32 10.04 1.31
C ASN A 228 26.88 10.19 1.76
N VAL A 229 26.07 10.84 0.96
CA VAL A 229 24.61 11.01 1.29
C VAL A 229 23.91 9.62 1.32
N ILE A 230 24.21 8.75 0.38
CA ILE A 230 23.58 7.42 0.35
C ILE A 230 24.08 6.53 1.49
N LEU A 231 25.37 6.66 1.83
CA LEU A 231 26.02 5.76 2.78
C LEU A 231 25.91 6.29 4.24
N GLY A 232 25.38 7.50 4.43
CA GLY A 232 25.17 8.12 5.75
C GLY A 232 26.40 8.74 6.40
N ASN A 233 27.57 8.64 5.76
CA ASN A 233 28.86 9.24 6.26
C ASN A 233 28.76 10.71 6.60
N LYS A 234 29.64 11.16 7.48
CA LYS A 234 29.65 12.56 7.90
C LYS A 234 30.23 13.51 6.82
N GLU A 235 31.10 13.00 5.93
CA GLU A 235 31.76 13.95 5.02
C GLU A 235 30.80 14.38 3.88
N ARG A 236 31.00 15.60 3.39
CA ARG A 236 30.11 16.25 2.37
C ARG A 236 30.97 16.81 1.25
N ALA A 237 30.53 16.64 0.02
CA ALA A 237 31.27 17.11 -1.12
C ALA A 237 31.52 18.61 -1.04
N GLN A 238 30.56 19.32 -0.51
CA GLN A 238 30.67 20.72 -0.39
C GLN A 238 31.91 21.11 0.46
N GLY A 239 32.21 20.32 1.48
CA GLY A 239 33.40 20.51 2.31
C GLY A 239 34.65 20.12 1.58
N ILE A 240 34.61 18.97 0.92
CA ILE A 240 35.74 18.46 0.16
C ILE A 240 36.26 19.51 -0.89
N LEU A 241 35.34 20.17 -1.59
CA LEU A 241 35.65 21.06 -2.69
C LEU A 241 35.79 22.51 -2.30
N ASP A 242 35.51 22.84 -1.03
CA ASP A 242 35.72 24.19 -0.52
C ASP A 242 37.25 24.34 -0.16
N ASN A 243 38.08 24.50 -1.17
CA ASN A 243 39.52 24.69 -1.00
C ASN A 243 40.01 25.60 -2.12
N ALA A 244 41.25 26.08 -1.97
CA ALA A 244 41.78 27.16 -2.82
C ALA A 244 42.09 26.74 -4.25
N LEU A 245 42.34 25.44 -4.43
CA LEU A 245 42.61 24.93 -5.75
C LEU A 245 41.26 24.91 -6.53
N VAL A 246 40.23 24.31 -5.93
CA VAL A 246 38.94 24.25 -6.67
C VAL A 246 38.39 25.65 -6.89
N ALA A 247 38.53 26.51 -5.87
CA ALA A 247 38.00 27.91 -5.94
C ALA A 247 38.43 28.69 -7.20
N LYS A 248 39.56 28.31 -7.79
CA LYS A 248 40.12 29.01 -8.91
C LYS A 248 39.61 28.50 -10.21
N THR A 249 38.85 27.38 -10.22
CA THR A 249 38.37 26.86 -11.48
C THR A 249 37.25 27.75 -11.97
N LYS A 250 37.02 27.69 -13.28
CA LYS A 250 35.90 28.36 -13.91
C LYS A 250 34.58 27.88 -13.30
N ALA A 251 34.50 26.56 -13.05
CA ALA A 251 33.31 26.02 -12.36
C ALA A 251 32.98 26.73 -11.02
N ALA A 252 33.95 26.87 -10.12
CA ALA A 252 33.72 27.52 -8.80
C ALA A 252 33.34 28.99 -8.93
N GLN A 253 34.03 29.67 -9.84
CA GLN A 253 33.85 31.11 -10.02
C GLN A 253 32.52 31.45 -10.67
N ASN A 254 32.05 30.60 -11.60
CA ASN A 254 30.71 30.78 -12.20
C ASN A 254 29.55 30.08 -11.46
N LYS A 255 29.82 29.54 -10.25
CA LYS A 255 28.85 28.82 -9.44
C LYS A 255 28.18 27.68 -10.23
N LYS A 256 29.02 26.85 -10.88
CA LYS A 256 28.59 25.67 -11.65
C LYS A 256 29.22 24.39 -11.15
N ILE A 257 29.46 24.34 -9.84
CA ILE A 257 29.68 23.11 -9.15
C ILE A 257 28.23 22.68 -8.76
N ILE A 258 27.76 21.62 -9.36
CA ILE A 258 26.33 21.21 -9.28
C ILE A 258 26.27 19.91 -8.57
N TYR A 259 25.55 19.90 -7.47
CA TYR A 259 25.46 18.73 -6.59
C TYR A 259 24.20 17.95 -7.03
N LEU A 260 24.41 16.90 -7.78
CA LEU A 260 23.31 16.12 -8.27
C LEU A 260 22.72 15.26 -7.18
N ASP A 261 21.42 15.00 -7.29
CA ASP A 261 20.75 14.28 -6.22
C ASP A 261 21.20 12.82 -6.34
N PRO A 262 21.91 12.30 -5.35
CA PRO A 262 22.44 10.95 -5.50
C PRO A 262 21.39 9.85 -5.35
N GLU A 263 20.23 10.20 -4.85
CA GLU A 263 19.08 9.28 -4.80
C GLU A 263 18.59 8.92 -6.22
N TYR A 264 18.98 9.74 -7.16
CA TYR A 264 18.73 9.47 -8.62
C TYR A 264 19.99 8.92 -9.30
N TRP A 265 21.08 9.66 -9.20
CA TRP A 265 22.26 9.36 -9.99
C TRP A 265 23.08 8.17 -9.47
N TYR A 266 23.20 8.03 -8.17
CA TYR A 266 24.06 6.99 -7.56
C TYR A 266 23.22 5.71 -7.43
N LEU A 267 22.03 5.86 -6.89
CA LEU A 267 21.07 4.75 -6.86
C LEU A 267 20.66 4.31 -8.25
N ALA A 268 20.84 5.17 -9.26
CA ALA A 268 20.84 4.82 -10.69
C ALA A 268 19.41 4.44 -11.01
N SER A 269 18.59 5.44 -11.00
CA SER A 269 17.18 5.33 -11.31
C SER A 269 16.87 5.52 -12.79
N GLY A 270 17.85 5.24 -13.66
CA GLY A 270 17.74 5.47 -15.09
C GLY A 270 16.71 4.67 -15.82
N ASN A 271 16.26 3.54 -15.24
CA ASN A 271 15.17 2.75 -15.78
C ASN A 271 13.74 3.30 -15.59
N GLY A 272 13.63 4.36 -14.84
CA GLY A 272 12.33 4.96 -14.54
C GLY A 272 11.86 5.92 -15.61
N LEU A 273 10.66 5.63 -16.10
CA LEU A 273 10.00 6.52 -17.00
C LEU A 273 9.82 7.93 -16.40
N GLU A 274 9.61 8.08 -15.08
CA GLU A 274 9.52 9.43 -14.52
C GLU A 274 10.88 9.86 -13.90
N SER A 275 11.58 8.95 -13.23
CA SER A 275 12.87 9.33 -12.66
C SER A 275 13.95 9.75 -13.70
N LEU A 276 14.04 9.06 -14.82
CA LEU A 276 14.92 9.54 -15.91
C LEU A 276 14.54 10.93 -16.36
N LYS A 277 13.24 11.19 -16.50
CA LYS A 277 12.78 12.47 -16.87
C LYS A 277 13.27 13.53 -15.88
N THR A 278 13.11 13.30 -14.57
CA THR A 278 13.60 14.23 -13.57
C THR A 278 15.15 14.49 -13.64
N MET A 279 15.94 13.47 -13.90
CA MET A 279 17.35 13.59 -14.03
C MET A 279 17.71 14.44 -15.26
N ILE A 280 17.01 14.21 -16.37
CA ILE A 280 17.24 15.04 -17.55
C ILE A 280 16.93 16.51 -17.25
N LEU A 281 15.75 16.78 -16.68
CA LEU A 281 15.49 18.14 -16.18
C LEU A 281 16.52 18.71 -15.21
N GLU A 282 17.06 17.91 -14.28
CA GLU A 282 18.08 18.37 -13.30
C GLU A 282 19.38 18.87 -14.02
N ILE A 283 19.80 18.14 -15.04
CA ILE A 283 20.91 18.56 -15.87
C ILE A 283 20.53 19.82 -16.61
N LYS A 284 19.41 19.79 -17.32
CA LYS A 284 19.03 20.92 -18.10
C LYS A 284 18.97 22.21 -17.27
N ASN A 285 18.36 22.14 -16.09
CA ASN A 285 18.22 23.35 -15.27
C ASN A 285 19.49 23.81 -14.64
N ALA A 286 20.42 22.91 -14.46
CA ALA A 286 21.71 23.29 -13.95
C ALA A 286 22.59 24.02 -14.97
N VAL A 287 22.42 23.76 -16.28
CA VAL A 287 23.27 24.43 -17.32
C VAL A 287 22.62 25.54 -18.22
N LYS A 288 21.32 25.78 -18.12
CA LYS A 288 20.59 26.63 -19.11
C LYS A 288 20.83 28.09 -18.81
N MET B 1 -19.71 -33.77 3.96
CA MET B 1 -19.81 -32.68 2.94
C MET B 1 -19.71 -33.15 1.52
N LEU B 2 -20.42 -32.48 0.63
CA LEU B 2 -20.68 -33.07 -0.68
C LEU B 2 -19.95 -32.34 -1.74
N PRO B 3 -19.73 -32.97 -2.90
CA PRO B 3 -19.20 -32.25 -4.07
C PRO B 3 -20.12 -31.13 -4.63
N ILE B 4 -19.49 -29.99 -4.92
CA ILE B 4 -20.10 -28.85 -5.55
C ILE B 4 -20.52 -29.24 -6.94
N SER B 5 -21.77 -28.95 -7.29
CA SER B 5 -22.25 -29.16 -8.70
C SER B 5 -22.61 -27.85 -9.31
N MET B 6 -22.43 -27.78 -10.61
CA MET B 6 -22.68 -26.55 -11.32
C MET B 6 -23.46 -26.88 -12.58
N SER B 7 -24.52 -26.13 -12.80
CA SER B 7 -25.28 -26.25 -14.04
C SER B 7 -25.14 -24.95 -14.83
N ASP B 8 -24.67 -25.08 -16.05
CA ASP B 8 -24.45 -23.94 -16.94
C ASP B 8 -25.78 -23.38 -17.48
N GLU B 9 -26.13 -22.17 -17.08
CA GLU B 9 -27.44 -21.58 -17.42
C GLU B 9 -27.35 -20.25 -18.13
N GLY B 10 -26.69 -20.33 -19.28
CA GLY B 10 -26.44 -19.17 -20.10
C GLY B 10 -25.52 -18.14 -19.50
N ASP B 11 -26.10 -17.22 -18.72
CA ASP B 11 -25.38 -16.03 -18.22
C ASP B 11 -24.81 -16.28 -16.80
N SER B 12 -25.15 -17.42 -16.23
CA SER B 12 -24.84 -17.73 -14.82
C SER B 12 -24.71 -19.23 -14.67
N PHE B 13 -24.33 -19.66 -13.48
CA PHE B 13 -24.28 -21.08 -13.10
C PHE B 13 -25.18 -21.21 -11.96
N LEU B 14 -25.97 -22.28 -11.94
CA LEU B 14 -26.69 -22.62 -10.70
C LEU B 14 -25.80 -23.57 -9.94
N VAL B 15 -25.38 -23.17 -8.72
CA VAL B 15 -24.32 -23.87 -8.06
C VAL B 15 -24.88 -24.38 -6.73
N LYS B 16 -24.65 -25.66 -6.44
CA LYS B 16 -25.11 -26.31 -5.19
C LYS B 16 -23.95 -26.87 -4.41
N ASP B 17 -23.90 -26.57 -3.13
CA ASP B 17 -22.88 -27.04 -2.29
C ASP B 17 -23.50 -27.48 -0.95
N SER B 18 -22.65 -27.84 -0.01
CA SER B 18 -23.06 -28.37 1.25
C SER B 18 -24.01 -27.45 1.97
N LEU B 19 -23.91 -26.14 1.70
CA LEU B 19 -24.75 -25.17 2.45
C LEU B 19 -25.98 -24.65 1.77
N GLY B 20 -26.07 -24.74 0.43
CA GLY B 20 -27.20 -24.21 -0.24
C GLY B 20 -26.96 -24.12 -1.73
N GLU B 21 -27.84 -23.39 -2.37
CA GLU B 21 -27.85 -23.25 -3.79
C GLU B 21 -27.71 -21.76 -4.04
N ASN B 22 -27.05 -21.39 -5.13
CA ASN B 22 -26.82 -19.96 -5.55
C ASN B 22 -26.77 -19.85 -7.02
N LYS B 23 -27.33 -18.76 -7.53
CA LYS B 23 -27.15 -18.36 -8.91
C LYS B 23 -25.90 -17.50 -8.87
N ILE B 24 -24.88 -17.90 -9.65
CA ILE B 24 -23.63 -17.15 -9.68
C ILE B 24 -23.43 -16.71 -11.11
N PRO B 25 -23.23 -15.41 -11.32
CA PRO B 25 -22.92 -15.04 -12.72
C PRO B 25 -21.63 -15.59 -13.24
N LYS B 26 -21.53 -15.87 -14.54
CA LYS B 26 -20.32 -16.27 -15.08
C LYS B 26 -19.32 -15.10 -14.96
N ASN B 27 -18.06 -15.44 -14.81
CA ASN B 27 -16.99 -14.42 -14.69
C ASN B 27 -17.28 -13.40 -13.64
N PRO B 28 -17.59 -13.80 -12.42
CA PRO B 28 -18.01 -12.77 -11.49
C PRO B 28 -16.88 -11.73 -11.16
N SER B 29 -17.27 -10.46 -11.02
CA SER B 29 -16.32 -9.36 -11.11
C SER B 29 -15.86 -8.87 -9.77
N LYS B 30 -16.66 -9.10 -8.76
CA LYS B 30 -16.47 -8.52 -7.42
C LYS B 30 -16.66 -9.59 -6.35
N VAL B 31 -15.54 -10.26 -6.06
CA VAL B 31 -15.55 -11.39 -5.20
C VAL B 31 -14.94 -10.99 -3.87
N VAL B 32 -15.68 -11.23 -2.82
CA VAL B 32 -15.12 -11.17 -1.48
C VAL B 32 -14.71 -12.59 -1.04
N ILE B 33 -13.46 -12.76 -0.61
CA ILE B 33 -12.91 -14.11 -0.34
C ILE B 33 -12.57 -14.14 1.13
N LEU B 34 -13.16 -15.07 1.87
CA LEU B 34 -12.84 -15.29 3.27
C LEU B 34 -11.96 -16.47 3.54
N ASP B 35 -11.60 -17.25 2.53
CA ASP B 35 -10.73 -18.41 2.69
C ASP B 35 -9.39 -18.09 2.05
N LEU B 36 -8.34 -18.21 2.83
CA LEU B 36 -7.02 -17.81 2.38
C LEU B 36 -6.50 -18.72 1.32
N GLY B 37 -6.85 -20.02 1.36
CA GLY B 37 -6.46 -20.87 0.26
C GLY B 37 -7.02 -20.53 -1.07
N ILE B 38 -8.32 -20.26 -1.09
CA ILE B 38 -8.95 -19.96 -2.38
C ILE B 38 -8.44 -18.60 -2.87
N LEU B 39 -8.13 -17.72 -1.94
CA LEU B 39 -7.40 -16.47 -2.35
C LEU B 39 -6.14 -16.76 -3.03
N ASP B 40 -5.33 -17.67 -2.49
CA ASP B 40 -4.15 -18.07 -3.25
C ASP B 40 -4.42 -18.70 -4.61
N THR B 41 -5.52 -19.45 -4.69
CA THR B 41 -5.94 -20.02 -5.98
C THR B 41 -6.34 -18.97 -7.02
N PHE B 42 -7.01 -17.94 -6.55
CA PHE B 42 -7.35 -16.80 -7.44
C PHE B 42 -6.11 -16.21 -8.02
N ASP B 43 -5.11 -16.03 -7.18
CA ASP B 43 -3.80 -15.57 -7.69
C ASP B 43 -3.23 -16.50 -8.68
N ALA B 44 -3.22 -17.80 -8.38
CA ALA B 44 -2.68 -18.75 -9.37
C ALA B 44 -3.45 -18.77 -10.67
N LEU B 45 -4.76 -18.54 -10.64
CA LEU B 45 -5.57 -18.46 -11.89
C LEU B 45 -5.56 -17.10 -12.56
N LYS B 46 -4.80 -16.15 -11.99
CA LYS B 46 -4.67 -14.80 -12.52
C LYS B 46 -5.98 -14.00 -12.47
N LEU B 47 -6.70 -14.15 -11.37
CA LEU B 47 -7.97 -13.49 -11.15
C LEU B 47 -7.88 -12.45 -10.11
N ASN B 48 -6.67 -11.98 -9.79
CA ASN B 48 -6.52 -11.00 -8.71
C ASN B 48 -7.44 -9.77 -8.82
N ASP B 49 -7.67 -9.31 -10.03
CA ASP B 49 -8.57 -8.20 -10.34
C ASP B 49 -10.04 -8.40 -9.95
N LYS B 50 -10.47 -9.67 -9.75
CA LYS B 50 -11.86 -9.99 -9.41
C LYS B 50 -12.08 -9.83 -7.96
N VAL B 51 -11.01 -9.75 -7.16
CA VAL B 51 -11.12 -9.80 -5.71
C VAL B 51 -11.33 -8.38 -5.18
N VAL B 52 -12.34 -8.17 -4.35
CA VAL B 52 -12.61 -6.82 -3.83
C VAL B 52 -12.52 -6.72 -2.36
N GLY B 53 -12.41 -7.85 -1.68
CA GLY B 53 -12.34 -7.82 -0.20
C GLY B 53 -11.65 -9.11 0.22
N VAL B 54 -10.81 -9.05 1.26
CA VAL B 54 -10.04 -10.18 1.77
C VAL B 54 -9.99 -10.06 3.26
N PRO B 55 -9.57 -11.10 3.96
CA PRO B 55 -9.31 -10.94 5.43
C PRO B 55 -7.88 -10.48 5.75
N ALA B 56 -7.72 -9.14 5.81
CA ALA B 56 -6.42 -8.48 6.08
C ALA B 56 -5.78 -8.66 7.49
N LYS B 57 -6.55 -8.88 8.55
CA LYS B 57 -5.94 -9.03 9.91
C LYS B 57 -4.79 -10.04 9.92
N ASN B 58 -5.11 -11.21 9.41
CA ASN B 58 -4.22 -12.36 9.49
C ASN B 58 -3.24 -12.43 8.29
N LEU B 59 -3.28 -11.48 7.34
CA LEU B 59 -2.81 -11.76 5.97
C LEU B 59 -1.34 -12.28 5.91
N PRO B 60 -1.16 -13.53 5.47
CA PRO B 60 0.20 -14.13 5.52
C PRO B 60 1.19 -13.54 4.59
N LYS B 61 2.43 -13.96 4.76
CA LYS B 61 3.57 -13.38 4.05
C LYS B 61 3.55 -13.63 2.57
N TYR B 62 2.93 -14.76 2.19
CA TYR B 62 2.86 -15.21 0.81
C TYR B 62 1.62 -14.67 0.06
N LEU B 63 0.80 -13.87 0.70
CA LEU B 63 -0.40 -13.27 0.08
C LEU B 63 -0.37 -11.72 0.16
N GLN B 64 0.83 -11.17 0.18
CA GLN B 64 0.99 -9.72 0.33
C GLN B 64 0.52 -8.91 -0.88
N GLN B 65 0.41 -9.54 -2.04
CA GLN B 65 -0.23 -8.92 -3.18
C GLN B 65 -1.71 -8.52 -2.92
N PHE B 66 -2.34 -8.93 -1.81
CA PHE B 66 -3.71 -8.54 -1.53
C PHE B 66 -3.82 -7.61 -0.32
N LYS B 67 -2.69 -7.05 0.11
CA LYS B 67 -2.65 -6.25 1.31
C LYS B 67 -3.38 -4.91 1.15
N ASN B 68 -3.48 -4.42 -0.05
CA ASN B 68 -4.14 -3.19 -0.30
C ASN B 68 -5.62 -3.37 -0.77
N LYS B 69 -6.17 -4.59 -0.74
CA LYS B 69 -7.62 -4.83 -0.89
C LYS B 69 -8.29 -4.41 0.40
N PRO B 70 -9.57 -3.93 0.36
CA PRO B 70 -10.29 -3.69 1.62
C PRO B 70 -10.38 -4.91 2.43
N SER B 71 -10.31 -4.70 3.73
CA SER B 71 -10.40 -5.75 4.69
C SER B 71 -11.83 -6.11 5.07
N VAL B 72 -12.16 -7.39 5.10
CA VAL B 72 -13.46 -7.80 5.62
C VAL B 72 -13.30 -8.50 6.95
N GLY B 73 -12.14 -8.22 7.59
CA GLY B 73 -11.82 -8.58 8.95
C GLY B 73 -10.68 -9.57 9.01
N GLY B 74 -10.86 -10.58 9.85
CA GLY B 74 -10.05 -11.79 9.86
C GLY B 74 -10.95 -12.98 9.57
N VAL B 75 -10.31 -14.15 9.43
CA VAL B 75 -11.03 -15.41 9.16
C VAL B 75 -12.07 -15.79 10.25
N GLN B 76 -11.71 -15.53 11.52
CA GLN B 76 -12.55 -15.80 12.68
C GLN B 76 -13.48 -14.62 13.00
N GLN B 77 -13.02 -13.39 12.77
CA GLN B 77 -13.84 -12.14 12.94
C GLN B 77 -14.23 -11.51 11.57
N VAL B 78 -15.46 -11.76 11.10
CA VAL B 78 -15.95 -11.21 9.84
C VAL B 78 -16.66 -9.87 10.05
N ASP B 79 -16.36 -8.91 9.19
CA ASP B 79 -16.99 -7.58 9.18
C ASP B 79 -18.12 -7.46 8.14
N PHE B 80 -19.32 -7.78 8.59
CA PHE B 80 -20.49 -7.76 7.70
C PHE B 80 -20.76 -6.44 7.05
N GLU B 81 -20.62 -5.36 7.83
CA GLU B 81 -20.75 -3.98 7.28
C GLU B 81 -19.81 -3.63 6.11
N ALA B 82 -18.58 -4.12 6.17
CA ALA B 82 -17.59 -3.89 5.10
C ALA B 82 -17.96 -4.72 3.89
N ILE B 83 -18.38 -5.97 4.13
CA ILE B 83 -18.76 -6.83 3.00
C ILE B 83 -19.90 -6.18 2.22
N ASN B 84 -20.87 -5.74 2.99
CA ASN B 84 -22.09 -5.07 2.49
C ASN B 84 -21.83 -3.79 1.73
N ALA B 85 -20.96 -2.94 2.27
CA ALA B 85 -20.39 -1.77 1.57
C ALA B 85 -19.83 -2.10 0.19
N LEU B 86 -19.17 -3.27 0.06
CA LEU B 86 -18.57 -3.63 -1.24
C LEU B 86 -19.55 -4.15 -2.27
N LYS B 87 -20.74 -4.55 -1.86
CA LYS B 87 -21.75 -5.15 -2.79
C LYS B 87 -21.18 -6.14 -3.76
N PRO B 88 -20.61 -7.23 -3.22
CA PRO B 88 -19.99 -8.20 -4.10
C PRO B 88 -21.00 -8.97 -4.93
N ASP B 89 -20.58 -9.47 -6.08
CA ASP B 89 -21.39 -10.41 -6.78
C ASP B 89 -21.23 -11.87 -6.29
N LEU B 90 -20.23 -12.14 -5.46
CA LEU B 90 -19.91 -13.47 -4.91
C LEU B 90 -19.07 -13.35 -3.66
N ILE B 91 -19.42 -14.14 -2.66
CA ILE B 91 -18.71 -14.29 -1.41
C ILE B 91 -18.25 -15.77 -1.35
N ILE B 92 -16.99 -16.01 -1.08
CA ILE B 92 -16.45 -17.39 -0.98
C ILE B 92 -15.96 -17.59 0.43
N ILE B 93 -16.45 -18.68 1.03
CA ILE B 93 -16.10 -19.05 2.38
C ILE B 93 -15.71 -20.51 2.55
N SER B 94 -15.08 -20.80 3.67
CA SER B 94 -14.70 -22.15 4.04
C SER B 94 -15.32 -22.48 5.36
N GLY B 95 -14.90 -23.62 5.92
CA GLY B 95 -15.42 -24.15 7.17
C GLY B 95 -15.46 -23.20 8.32
N ARG B 96 -14.41 -22.44 8.51
CA ARG B 96 -14.38 -21.47 9.60
C ARG B 96 -15.47 -20.37 9.50
N GLN B 97 -16.07 -20.12 8.32
CA GLN B 97 -17.17 -19.15 8.26
C GLN B 97 -18.59 -19.76 8.09
N SER B 98 -18.71 -21.09 8.18
CA SER B 98 -20.04 -21.79 8.07
C SER B 98 -21.14 -21.18 8.86
N LYS B 99 -20.86 -20.90 10.13
CA LYS B 99 -21.90 -20.32 11.02
C LYS B 99 -22.39 -18.89 10.63
N PHE B 100 -21.66 -18.17 9.77
CA PHE B 100 -22.10 -16.88 9.27
C PHE B 100 -22.87 -17.00 7.94
N TYR B 101 -23.14 -18.22 7.48
CA TYR B 101 -23.59 -18.41 6.10
C TYR B 101 -24.90 -17.64 5.76
N ASP B 102 -25.89 -17.76 6.62
CA ASP B 102 -27.17 -17.11 6.43
C ASP B 102 -27.04 -15.60 6.27
N LYS B 103 -26.28 -14.95 7.12
CA LYS B 103 -26.14 -13.47 7.02
C LYS B 103 -25.31 -13.09 5.79
N LEU B 104 -24.34 -13.91 5.41
CA LEU B 104 -23.61 -13.61 4.17
C LEU B 104 -24.51 -13.77 2.96
N LYS B 105 -25.29 -14.86 2.89
CA LYS B 105 -26.15 -15.11 1.74
C LYS B 105 -27.18 -13.97 1.50
N GLU B 106 -27.59 -13.36 2.60
CA GLU B 106 -28.38 -12.12 2.56
C GLU B 106 -27.73 -10.99 1.79
N ILE B 107 -26.39 -10.91 1.77
CA ILE B 107 -25.68 -9.86 1.04
C ILE B 107 -25.45 -10.28 -0.38
N ALA B 108 -24.99 -11.51 -0.63
CA ALA B 108 -24.68 -11.93 -2.01
C ALA B 108 -24.63 -13.47 -2.13
N PRO B 109 -24.67 -14.05 -3.36
CA PRO B 109 -24.43 -15.50 -3.53
C PRO B 109 -23.14 -15.87 -2.84
N THR B 110 -23.20 -16.91 -2.00
CA THR B 110 -22.13 -17.32 -1.11
C THR B 110 -21.82 -18.79 -1.40
N LEU B 111 -20.57 -19.02 -1.79
CA LEU B 111 -20.05 -20.30 -2.20
C LEU B 111 -19.25 -20.87 -1.09
N PHE B 112 -19.57 -22.11 -0.73
CA PHE B 112 -18.86 -22.84 0.28
C PHE B 112 -17.84 -23.80 -0.32
N VAL B 113 -16.57 -23.57 0.01
CA VAL B 113 -15.46 -24.42 -0.44
C VAL B 113 -14.79 -25.03 0.76
N GLY B 114 -15.56 -25.82 1.51
CA GLY B 114 -14.97 -26.45 2.69
C GLY B 114 -14.06 -27.58 2.29
N LEU B 115 -13.05 -27.85 3.11
CA LEU B 115 -12.20 -28.99 2.85
C LEU B 115 -12.63 -30.12 3.75
N ASP B 116 -12.86 -31.29 3.20
CA ASP B 116 -13.41 -32.33 4.03
C ASP B 116 -12.21 -33.06 4.62
N ASN B 117 -12.13 -33.05 5.95
CA ASN B 117 -11.00 -33.65 6.66
C ASN B 117 -10.86 -35.11 6.39
N ALA B 118 -11.98 -35.82 6.17
CA ALA B 118 -12.00 -37.24 5.81
C ALA B 118 -11.75 -37.57 4.32
N ASN B 119 -11.58 -36.54 3.48
CA ASN B 119 -11.63 -36.72 2.04
C ASN B 119 -10.95 -35.53 1.33
N PHE B 120 -9.67 -35.36 1.64
CA PHE B 120 -9.05 -34.06 1.51
C PHE B 120 -8.84 -33.72 0.07
N LEU B 121 -8.18 -34.62 -0.65
CA LEU B 121 -7.80 -34.31 -2.01
C LEU B 121 -8.98 -34.10 -2.94
N SER B 122 -9.97 -34.97 -2.79
CA SER B 122 -11.15 -34.87 -3.61
C SER B 122 -11.86 -33.54 -3.39
N SER B 123 -11.98 -33.08 -2.14
CA SER B 123 -12.59 -31.81 -1.85
C SER B 123 -11.78 -30.62 -2.42
N PHE B 124 -10.46 -30.67 -2.25
CA PHE B 124 -9.51 -29.69 -2.78
C PHE B 124 -9.75 -29.55 -4.28
N GLU B 125 -9.83 -30.70 -4.93
CA GLU B 125 -9.96 -30.71 -6.36
C GLU B 125 -11.28 -30.05 -6.87
N ASN B 126 -12.34 -30.38 -6.17
CA ASN B 126 -13.70 -29.93 -6.47
C ASN B 126 -13.79 -28.40 -6.23
N ASN B 127 -13.21 -27.94 -5.13
CA ASN B 127 -13.14 -26.49 -4.82
C ASN B 127 -12.44 -25.69 -5.89
N VAL B 128 -11.25 -26.13 -6.32
CA VAL B 128 -10.45 -25.43 -7.27
C VAL B 128 -11.08 -25.44 -8.63
N LEU B 129 -11.71 -26.56 -8.98
CA LEU B 129 -12.23 -26.70 -10.32
C LEU B 129 -13.55 -25.95 -10.43
N SER B 130 -14.25 -25.85 -9.33
CA SER B 130 -15.56 -25.13 -9.31
C SER B 130 -15.32 -23.64 -9.45
N VAL B 131 -14.30 -23.14 -8.74
CA VAL B 131 -13.85 -21.74 -8.95
C VAL B 131 -13.38 -21.47 -10.38
N ALA B 132 -12.55 -22.32 -10.92
CA ALA B 132 -12.04 -22.16 -12.25
C ALA B 132 -13.16 -22.17 -13.34
N LYS B 133 -14.13 -23.06 -13.17
CA LYS B 133 -15.24 -23.18 -14.12
C LYS B 133 -16.09 -21.86 -14.23
N LEU B 134 -16.25 -21.14 -13.13
CA LEU B 134 -16.89 -19.83 -13.17
C LEU B 134 -16.24 -18.84 -14.14
N TYR B 135 -14.97 -19.05 -14.43
CA TYR B 135 -14.18 -18.14 -15.25
C TYR B 135 -13.70 -18.79 -16.55
N GLY B 136 -14.07 -20.04 -16.82
CA GLY B 136 -13.64 -20.76 -18.00
C GLY B 136 -12.19 -21.22 -17.99
N LEU B 137 -11.62 -21.44 -16.80
CA LEU B 137 -10.18 -21.73 -16.61
C LEU B 137 -9.93 -23.12 -16.14
N GLU B 138 -10.82 -24.08 -16.46
CA GLU B 138 -10.60 -25.46 -16.01
C GLU B 138 -9.27 -26.02 -16.53
N LYS B 139 -8.86 -25.64 -17.74
CA LYS B 139 -7.66 -26.19 -18.35
C LYS B 139 -6.46 -25.91 -17.43
N GLU B 140 -6.31 -24.62 -17.06
CA GLU B 140 -5.23 -24.10 -16.19
C GLU B 140 -5.31 -24.72 -14.81
N ALA B 141 -6.53 -24.82 -14.26
CA ALA B 141 -6.68 -25.47 -12.95
C ALA B 141 -6.23 -26.96 -12.96
N LEU B 142 -6.58 -27.67 -14.03
CA LEU B 142 -6.28 -29.10 -14.09
C LEU B 142 -4.77 -29.37 -14.11
N GLU B 143 -4.07 -28.57 -14.88
CA GLU B 143 -2.62 -28.61 -14.97
C GLU B 143 -1.93 -28.36 -13.65
N LYS B 144 -2.46 -27.45 -12.83
CA LYS B 144 -1.90 -27.19 -11.52
C LYS B 144 -2.27 -28.29 -10.54
N ILE B 145 -3.48 -28.81 -10.64
CA ILE B 145 -3.91 -29.94 -9.80
C ILE B 145 -2.99 -31.14 -10.12
N SER B 146 -2.62 -31.27 -11.40
CA SER B 146 -1.71 -32.32 -11.82
C SER B 146 -0.27 -32.18 -11.24
N ASP B 147 0.29 -30.98 -11.13
CA ASP B 147 1.51 -30.78 -10.30
C ASP B 147 1.30 -31.26 -8.85
N ILE B 148 0.22 -30.85 -8.19
CA ILE B 148 0.03 -31.22 -6.79
C ILE B 148 -0.03 -32.72 -6.56
N LYS B 149 -0.85 -33.37 -7.36
CA LYS B 149 -0.94 -34.85 -7.36
C LYS B 149 0.43 -35.60 -7.49
N ASN B 150 1.22 -35.11 -8.42
CA ASN B 150 2.57 -35.61 -8.67
C ASN B 150 3.34 -35.50 -7.36
N GLU B 151 3.34 -34.29 -6.81
CA GLU B 151 4.19 -33.95 -5.66
C GLU B 151 3.79 -34.74 -4.44
N ILE B 152 2.48 -34.96 -4.29
CA ILE B 152 1.92 -35.84 -3.25
C ILE B 152 2.45 -37.27 -3.33
N GLU B 153 2.44 -37.79 -4.55
CA GLU B 153 2.73 -39.21 -4.76
C GLU B 153 4.21 -39.42 -4.44
N LYS B 154 5.06 -38.50 -4.87
CA LYS B 154 6.45 -38.52 -4.43
C LYS B 154 6.67 -38.44 -2.93
N ALA B 155 5.95 -37.55 -2.26
CA ALA B 155 6.20 -37.30 -0.84
C ALA B 155 5.81 -38.53 -0.04
N LYS B 156 4.78 -39.24 -0.52
CA LYS B 156 4.28 -40.47 0.13
C LYS B 156 5.28 -41.61 0.22
N SER B 157 6.18 -41.74 -0.76
CA SER B 157 7.18 -42.84 -0.78
C SER B 157 8.51 -42.51 -0.03
N ILE B 158 8.67 -41.24 0.38
CA ILE B 158 9.76 -40.82 1.26
C ILE B 158 9.49 -41.30 2.69
N VAL B 159 8.22 -41.48 3.03
CA VAL B 159 7.79 -42.02 4.34
C VAL B 159 8.44 -43.39 4.56
N ASP B 160 8.65 -43.73 5.83
CA ASP B 160 9.17 -45.02 6.26
C ASP B 160 7.98 -45.69 6.96
N GLU B 161 7.49 -46.81 6.42
CA GLU B 161 6.25 -47.46 6.96
C GLU B 161 6.26 -47.78 8.46
N ASP B 162 7.45 -48.08 8.99
CA ASP B 162 7.64 -48.38 10.42
C ASP B 162 7.42 -47.15 11.29
N LYS B 163 7.90 -45.99 10.82
CA LYS B 163 7.97 -44.78 11.66
C LYS B 163 6.61 -44.18 12.01
N LYS B 164 6.53 -43.54 13.16
CA LYS B 164 5.27 -42.98 13.61
C LYS B 164 5.43 -41.47 13.94
N ALA B 165 4.29 -40.78 13.86
CA ALA B 165 4.26 -39.33 13.92
C ALA B 165 3.09 -38.82 14.77
N LEU B 166 3.38 -37.81 15.58
CA LEU B 166 2.38 -37.12 16.39
C LEU B 166 2.25 -35.72 15.82
N ILE B 167 1.00 -35.26 15.66
CA ILE B 167 0.71 -33.86 15.27
C ILE B 167 0.20 -33.10 16.47
N ILE B 168 0.82 -31.95 16.78
CA ILE B 168 0.35 -31.08 17.88
C ILE B 168 0.19 -29.59 17.54
N LEU B 169 -0.72 -28.97 18.27
CA LEU B 169 -1.05 -27.59 18.20
C LEU B 169 -0.68 -27.02 19.56
N THR B 170 0.05 -25.92 19.58
CA THR B 170 0.41 -25.33 20.82
C THR B 170 -0.18 -23.97 20.80
N ASN B 171 -0.71 -23.62 21.95
CA ASN B 171 -1.55 -22.45 22.14
C ASN B 171 -1.27 -22.01 23.56
N SER B 172 -0.69 -20.82 23.73
CA SER B 172 -0.11 -20.44 24.98
C SER B 172 0.82 -21.57 25.53
N ASN B 173 0.59 -22.05 26.76
CA ASN B 173 1.36 -23.14 27.39
C ASN B 173 0.78 -24.53 27.17
N LYS B 174 -0.32 -24.62 26.42
CA LYS B 174 -1.12 -25.82 26.33
C LYS B 174 -0.89 -26.51 24.97
N ILE B 175 -0.92 -27.83 25.01
CA ILE B 175 -0.62 -28.68 23.89
C ILE B 175 -1.86 -29.51 23.58
N SER B 176 -2.20 -29.63 22.29
CA SER B 176 -3.30 -30.48 21.82
C SER B 176 -2.85 -31.42 20.70
N ALA B 177 -3.22 -32.71 20.79
CA ALA B 177 -2.96 -33.71 19.73
C ALA B 177 -4.04 -33.78 18.68
N PHE B 178 -3.67 -34.09 17.45
CA PHE B 178 -4.62 -34.21 16.34
C PHE B 178 -4.23 -35.45 15.55
N GLY B 179 -5.23 -36.12 14.98
CA GLY B 179 -5.06 -37.43 14.37
C GLY B 179 -5.41 -37.42 12.91
N PRO B 180 -5.29 -38.58 12.23
CA PRO B 180 -5.85 -38.60 10.88
C PRO B 180 -7.32 -38.09 10.91
N GLN B 181 -7.73 -37.42 9.83
CA GLN B 181 -9.05 -36.82 9.66
C GLN B 181 -9.35 -35.65 10.62
N SER B 182 -8.30 -35.02 11.16
CA SER B 182 -8.42 -33.72 11.83
C SER B 182 -8.16 -32.62 10.81
N ARG B 183 -8.33 -31.37 11.22
CA ARG B 183 -7.84 -30.22 10.43
C ARG B 183 -6.39 -30.36 9.89
N PHE B 184 -5.51 -31.10 10.60
CA PHE B 184 -4.14 -31.31 10.09
C PHE B 184 -3.95 -32.67 9.44
N GLY B 185 -5.06 -33.26 8.99
CA GLY B 185 -5.09 -34.66 8.55
C GLY B 185 -4.22 -34.93 7.34
N ILE B 186 -3.96 -33.92 6.54
CA ILE B 186 -3.22 -34.16 5.30
C ILE B 186 -1.81 -34.69 5.49
N ILE B 187 -1.27 -34.63 6.71
CA ILE B 187 0.03 -35.25 6.96
C ILE B 187 -0.12 -36.77 6.86
N HIS B 188 -1.11 -37.31 7.56
CA HIS B 188 -1.27 -38.76 7.65
C HIS B 188 -2.01 -39.24 6.45
N ASP B 189 -3.21 -38.67 6.29
CA ASP B 189 -4.24 -39.16 5.36
C ASP B 189 -3.78 -39.09 3.92
N VAL B 190 -2.89 -38.15 3.59
CA VAL B 190 -2.52 -37.88 2.19
C VAL B 190 -1.02 -37.98 1.87
N LEU B 191 -0.15 -37.56 2.79
CA LEU B 191 1.30 -37.67 2.61
C LEU B 191 1.93 -38.84 3.43
N GLY B 192 1.13 -39.88 3.70
CA GLY B 192 1.64 -41.21 4.06
C GLY B 192 1.81 -41.61 5.53
N ILE B 193 2.12 -40.66 6.41
CA ILE B 193 2.80 -40.98 7.68
C ILE B 193 1.86 -41.52 8.75
N ASN B 194 2.33 -42.59 9.41
CA ASN B 194 1.53 -43.30 10.39
C ASN B 194 1.42 -42.50 11.66
N ALA B 195 0.21 -42.42 12.20
CA ALA B 195 -0.02 -41.76 13.50
C ALA B 195 0.47 -42.63 14.68
N VAL B 196 0.60 -42.02 15.86
CA VAL B 196 0.91 -42.77 17.10
C VAL B 196 -0.37 -43.11 17.89
N ASP B 197 -1.54 -42.83 17.32
CA ASP B 197 -2.82 -43.05 18.01
C ASP B 197 -4.00 -42.99 17.05
N GLU B 198 -4.91 -43.97 17.12
CA GLU B 198 -6.19 -43.96 16.38
C GLU B 198 -7.40 -43.68 17.28
N ASN B 199 -7.18 -43.01 18.42
CA ASN B 199 -8.23 -42.75 19.40
C ASN B 199 -8.36 -41.23 19.61
N ILE B 200 -8.34 -40.50 18.49
CA ILE B 200 -8.31 -39.02 18.44
C ILE B 200 -9.58 -38.51 17.64
N LYS B 201 -9.40 -37.69 16.59
CA LYS B 201 -10.51 -37.12 15.76
C LYS B 201 -11.43 -36.14 16.53
N VAL B 202 -11.37 -34.85 16.17
CA VAL B 202 -11.78 -33.76 17.09
C VAL B 202 -12.61 -32.61 16.46
N GLY B 203 -13.28 -31.82 17.32
CA GLY B 203 -14.20 -30.72 16.92
C GLY B 203 -14.28 -29.53 17.90
N THR B 204 -14.18 -28.30 17.35
CA THR B 204 -13.92 -27.00 18.07
C THR B 204 -12.99 -27.06 19.36
N HIS B 205 -11.94 -27.88 19.24
CA HIS B 205 -10.88 -28.18 20.25
C HIS B 205 -10.11 -29.42 19.74
N GLY B 206 -9.06 -29.84 20.46
CA GLY B 206 -8.34 -31.11 20.18
C GLY B 206 -8.44 -32.16 21.30
N LYS B 207 -7.39 -32.97 21.43
CA LYS B 207 -7.16 -33.84 22.59
C LYS B 207 -6.06 -33.21 23.43
N SER B 208 -6.45 -32.57 24.52
CA SER B 208 -5.51 -31.95 25.46
C SER B 208 -4.49 -32.99 25.95
N ILE B 209 -3.19 -32.70 25.84
CA ILE B 209 -2.12 -33.63 26.27
C ILE B 209 -1.01 -32.88 26.95
N ASN B 210 -0.07 -33.62 27.53
CA ASN B 210 1.08 -33.00 28.22
C ASN B 210 2.32 -33.73 27.74
N SER B 211 3.45 -33.33 28.31
CA SER B 211 4.76 -33.88 27.96
C SER B 211 4.96 -35.37 28.27
N GLU B 212 4.37 -35.84 29.39
CA GLU B 212 4.40 -37.27 29.76
C GLU B 212 3.70 -38.14 28.70
N PHE B 213 2.55 -37.69 28.21
CA PHE B 213 1.87 -38.35 27.08
C PHE B 213 2.79 -38.46 25.82
N ILE B 214 3.57 -37.42 25.52
CA ILE B 214 4.47 -37.43 24.33
C ILE B 214 5.61 -38.45 24.49
N LEU B 215 6.22 -38.45 25.68
CA LEU B 215 7.29 -39.38 26.00
C LEU B 215 6.79 -40.82 25.98
N GLU B 216 5.55 -41.01 26.42
CA GLU B 216 4.92 -42.33 26.43
C GLU B 216 4.76 -42.86 25.00
N LYS B 217 4.26 -42.03 24.09
CA LYS B 217 4.09 -42.45 22.69
C LYS B 217 5.42 -42.53 21.96
N ASN B 218 6.39 -41.73 22.41
CA ASN B 218 7.74 -41.73 21.83
C ASN B 218 7.73 -41.72 20.28
N PRO B 219 7.15 -40.66 19.68
CA PRO B 219 7.01 -40.67 18.19
C PRO B 219 8.34 -40.50 17.54
N ASP B 220 8.50 -41.00 16.31
CA ASP B 220 9.70 -40.69 15.56
C ASP B 220 9.73 -39.25 15.03
N TYR B 221 8.53 -38.73 14.73
CA TYR B 221 8.34 -37.35 14.21
C TYR B 221 7.31 -36.68 15.08
N ILE B 222 7.56 -35.42 15.41
CA ILE B 222 6.53 -34.54 15.94
C ILE B 222 6.39 -33.31 15.03
N PHE B 223 5.17 -33.13 14.52
CA PHE B 223 4.79 -32.03 13.64
C PHE B 223 4.01 -31.06 14.51
N VAL B 224 4.59 -29.88 14.69
CA VAL B 224 4.03 -28.85 15.54
C VAL B 224 3.50 -27.68 14.75
N VAL B 225 2.32 -27.22 15.14
CA VAL B 225 1.67 -26.04 14.55
C VAL B 225 1.53 -25.10 15.75
N ASP B 226 2.33 -24.06 15.76
CA ASP B 226 2.40 -23.19 16.93
C ASP B 226 1.48 -22.00 16.75
N ARG B 227 0.30 -22.10 17.35
CA ARG B 227 -0.68 -21.00 17.28
C ARG B 227 -0.13 -19.69 17.89
N ASN B 228 0.78 -19.79 18.87
CA ASN B 228 1.37 -18.60 19.50
C ASN B 228 2.00 -17.62 18.56
N VAL B 229 2.51 -18.13 17.43
CA VAL B 229 3.14 -17.32 16.38
C VAL B 229 2.08 -16.41 15.70
N ILE B 230 0.95 -17.01 15.33
CA ILE B 230 -0.22 -16.27 14.81
C ILE B 230 -0.64 -15.19 15.81
N LEU B 231 -0.75 -15.56 17.08
CA LEU B 231 -1.22 -14.61 18.12
C LEU B 231 -0.18 -13.51 18.51
N GLY B 232 1.10 -13.77 18.22
CA GLY B 232 2.16 -12.92 18.69
C GLY B 232 2.46 -13.10 20.17
N ASN B 233 1.96 -14.18 20.81
CA ASN B 233 2.32 -14.50 22.21
C ASN B 233 3.84 -14.67 22.24
N LYS B 234 4.50 -14.38 23.35
CA LYS B 234 5.97 -14.55 23.40
C LYS B 234 6.35 -16.03 23.69
N GLU B 235 5.45 -16.83 24.23
CA GLU B 235 5.78 -18.25 24.46
C GLU B 235 5.70 -19.00 23.14
N ARG B 236 6.48 -20.06 23.01
CA ARG B 236 6.65 -20.76 21.73
C ARG B 236 6.70 -22.21 22.01
N ALA B 237 6.35 -23.00 20.99
CA ALA B 237 6.35 -24.44 21.14
C ALA B 237 7.72 -24.96 21.51
N GLN B 238 8.76 -24.35 20.95
CA GLN B 238 10.12 -24.75 21.30
C GLN B 238 10.34 -24.69 22.83
N GLY B 239 9.81 -23.63 23.46
CA GLY B 239 9.87 -23.45 24.94
C GLY B 239 9.07 -24.55 25.66
N ILE B 240 7.89 -24.88 25.13
CA ILE B 240 7.04 -25.89 25.78
C ILE B 240 7.67 -27.26 25.75
N LEU B 241 8.22 -27.60 24.60
CA LEU B 241 8.79 -28.86 24.38
C LEU B 241 10.22 -28.96 24.95
N ASP B 242 10.76 -27.89 25.56
CA ASP B 242 12.15 -27.86 26.08
C ASP B 242 12.05 -28.32 27.54
N ASN B 243 11.80 -29.60 27.72
CA ASN B 243 11.80 -30.20 29.04
C ASN B 243 12.35 -31.62 28.93
N ALA B 244 12.65 -32.17 30.10
CA ALA B 244 13.35 -33.45 30.20
C ALA B 244 12.55 -34.67 29.68
N LEU B 245 11.24 -34.55 29.59
CA LEU B 245 10.41 -35.66 29.10
C LEU B 245 10.45 -35.66 27.57
N VAL B 246 10.06 -34.55 26.96
CA VAL B 246 10.09 -34.51 25.48
C VAL B 246 11.48 -34.90 24.93
N ALA B 247 12.55 -34.38 25.54
CA ALA B 247 13.97 -34.57 25.11
C ALA B 247 14.40 -36.03 24.99
N LYS B 248 13.80 -36.88 25.84
CA LYS B 248 14.05 -38.32 25.78
C LYS B 248 13.45 -39.02 24.53
N THR B 249 12.55 -38.39 23.78
CA THR B 249 11.94 -39.10 22.63
C THR B 249 12.88 -39.25 21.43
N LYS B 250 12.52 -40.19 20.56
CA LYS B 250 13.24 -40.36 19.29
C LYS B 250 13.20 -39.08 18.45
N ALA B 251 12.02 -38.46 18.41
CA ALA B 251 11.84 -37.27 17.60
C ALA B 251 12.77 -36.16 18.05
N ALA B 252 12.84 -35.88 19.36
CA ALA B 252 13.78 -34.88 19.88
C ALA B 252 15.24 -35.25 19.68
N GLN B 253 15.58 -36.52 19.89
CA GLN B 253 17.00 -36.93 19.71
C GLN B 253 17.49 -36.86 18.27
N ASN B 254 16.60 -37.15 17.30
CA ASN B 254 16.96 -37.12 15.89
C ASN B 254 16.69 -35.74 15.21
N LYS B 255 16.27 -34.76 16.00
CA LYS B 255 15.93 -33.44 15.48
C LYS B 255 14.81 -33.56 14.46
N LYS B 256 13.80 -34.40 14.76
CA LYS B 256 12.60 -34.56 13.97
C LYS B 256 11.40 -33.94 14.67
N ILE B 257 11.64 -32.93 15.50
CA ILE B 257 10.57 -32.06 15.92
C ILE B 257 10.51 -31.03 14.80
N ILE B 258 9.41 -31.04 14.07
CA ILE B 258 9.24 -30.26 12.84
C ILE B 258 8.21 -29.14 13.13
N TYR B 259 8.65 -27.88 13.08
CA TYR B 259 7.83 -26.73 13.31
C TYR B 259 7.29 -26.26 11.97
N LEU B 260 6.04 -26.58 11.70
CA LEU B 260 5.39 -26.24 10.43
C LEU B 260 4.95 -24.78 10.48
N ASP B 261 5.14 -24.12 9.37
CA ASP B 261 4.71 -22.68 9.28
C ASP B 261 3.18 -22.47 9.52
N PRO B 262 2.81 -21.85 10.66
CA PRO B 262 1.42 -21.69 11.00
C PRO B 262 0.62 -20.82 10.02
N GLU B 263 1.32 -19.94 9.31
CA GLU B 263 0.64 -19.13 8.27
C GLU B 263 0.04 -19.95 7.13
N TYR B 264 0.59 -21.16 6.97
CA TYR B 264 0.03 -22.13 6.06
C TYR B 264 -0.92 -23.13 6.76
N TRP B 265 -0.46 -23.68 7.87
CA TRP B 265 -1.09 -24.88 8.46
C TRP B 265 -2.26 -24.46 9.40
N TYR B 266 -2.08 -23.42 10.19
CA TYR B 266 -3.11 -22.92 11.06
C TYR B 266 -4.10 -22.03 10.32
N LEU B 267 -3.64 -21.06 9.51
CA LEU B 267 -4.58 -20.25 8.74
C LEU B 267 -5.28 -21.09 7.64
N ALA B 268 -4.68 -22.23 7.27
CA ALA B 268 -5.29 -23.29 6.44
C ALA B 268 -5.54 -22.87 5.01
N SER B 269 -4.43 -22.65 4.34
CA SER B 269 -4.41 -22.37 2.93
C SER B 269 -4.34 -23.62 2.03
N GLY B 270 -4.99 -24.73 2.49
CA GLY B 270 -5.05 -26.01 1.74
C GLY B 270 -5.70 -25.87 0.40
N ASN B 271 -6.67 -24.96 0.26
CA ASN B 271 -7.30 -24.63 -1.06
C ASN B 271 -6.49 -23.88 -2.12
N GLY B 272 -5.22 -23.64 -1.83
CA GLY B 272 -4.36 -22.86 -2.70
C GLY B 272 -3.61 -23.73 -3.63
N LEU B 273 -3.76 -23.49 -4.94
CA LEU B 273 -2.94 -24.16 -5.91
C LEU B 273 -1.42 -23.96 -5.69
N GLU B 274 -1.00 -22.80 -5.17
CA GLU B 274 0.43 -22.61 -4.88
C GLU B 274 0.78 -22.97 -3.48
N SER B 275 -0.08 -22.54 -2.60
CA SER B 275 0.14 -22.74 -1.19
C SER B 275 0.11 -24.22 -0.75
N LEU B 276 -0.71 -25.00 -1.40
CA LEU B 276 -0.78 -26.42 -1.00
C LEU B 276 0.51 -27.09 -1.44
N LYS B 277 0.99 -26.74 -2.61
CA LYS B 277 2.24 -27.21 -3.13
C LYS B 277 3.39 -26.87 -2.20
N THR B 278 3.43 -25.64 -1.68
CA THR B 278 4.48 -25.24 -0.72
C THR B 278 4.41 -26.10 0.52
N MET B 279 3.22 -26.36 1.00
CA MET B 279 3.01 -27.15 2.23
C MET B 279 3.48 -28.60 2.01
N ILE B 280 3.18 -29.15 0.82
CA ILE B 280 3.62 -30.54 0.48
C ILE B 280 5.12 -30.60 0.53
N LEU B 281 5.78 -29.67 -0.16
CA LEU B 281 7.23 -29.60 -0.17
C LEU B 281 7.83 -29.37 1.21
N GLU B 282 7.18 -28.57 2.03
CA GLU B 282 7.61 -28.35 3.41
C GLU B 282 7.73 -29.66 4.14
N ILE B 283 6.66 -30.41 4.21
CA ILE B 283 6.61 -31.70 4.87
C ILE B 283 7.64 -32.68 4.26
N LYS B 284 7.64 -32.76 2.94
CA LYS B 284 8.59 -33.64 2.26
C LYS B 284 10.06 -33.34 2.62
N ASN B 285 10.44 -32.06 2.60
CA ASN B 285 11.83 -31.65 2.94
C ASN B 285 12.17 -31.92 4.40
N ALA B 286 11.18 -31.83 5.28
CA ALA B 286 11.41 -32.02 6.69
C ALA B 286 11.54 -33.48 7.08
N VAL B 287 11.20 -34.42 6.19
CA VAL B 287 11.34 -35.83 6.57
C VAL B 287 12.33 -36.63 5.70
N LYS B 288 13.07 -35.98 4.79
CA LYS B 288 13.95 -36.73 3.86
C LYS B 288 15.39 -36.62 4.37
N MET C 1 -18.64 28.62 -5.47
CA MET C 1 -18.12 27.23 -5.73
C MET C 1 -18.89 26.35 -6.74
N LEU C 2 -18.19 25.85 -7.75
CA LEU C 2 -18.73 24.90 -8.77
C LEU C 2 -18.86 23.44 -8.32
N PRO C 3 -19.90 22.70 -8.70
CA PRO C 3 -19.78 21.23 -8.73
C PRO C 3 -18.65 20.82 -9.68
N ILE C 4 -17.84 19.86 -9.24
CA ILE C 4 -16.63 19.44 -9.97
C ILE C 4 -17.14 18.59 -11.07
N SER C 5 -16.63 18.82 -12.27
CA SER C 5 -17.00 18.01 -13.46
C SER C 5 -15.78 17.27 -14.00
N MET C 6 -16.04 16.08 -14.43
CA MET C 6 -15.02 15.08 -14.78
C MET C 6 -15.50 14.41 -16.08
N SER C 7 -14.66 14.56 -17.10
CA SER C 7 -14.82 13.98 -18.44
C SER C 7 -13.76 12.88 -18.68
N ASP C 8 -14.22 11.71 -19.10
CA ASP C 8 -13.40 10.52 -19.31
C ASP C 8 -12.60 10.67 -20.60
N GLU C 9 -11.27 10.77 -20.49
CA GLU C 9 -10.39 10.85 -21.65
C GLU C 9 -9.54 9.59 -21.77
N GLY C 10 -10.01 8.43 -21.30
CA GLY C 10 -9.25 7.17 -21.47
C GLY C 10 -8.40 6.77 -20.26
N ASP C 11 -7.14 7.18 -20.20
CA ASP C 11 -6.21 6.90 -19.05
C ASP C 11 -6.30 8.00 -17.92
N SER C 12 -7.10 9.03 -18.20
CA SER C 12 -7.26 10.20 -17.32
C SER C 12 -8.63 10.86 -17.44
N PHE C 13 -8.96 11.73 -16.48
CA PHE C 13 -10.15 12.59 -16.47
C PHE C 13 -9.68 14.02 -16.67
N LEU C 14 -10.44 14.77 -17.48
CA LEU C 14 -10.32 16.22 -17.57
C LEU C 14 -11.30 16.73 -16.49
N VAL C 15 -10.71 17.26 -15.42
CA VAL C 15 -11.44 17.75 -14.27
C VAL C 15 -11.45 19.29 -14.18
N LYS C 16 -12.65 19.82 -14.06
CA LYS C 16 -12.88 21.23 -13.86
C LYS C 16 -13.48 21.48 -12.48
N ASP C 17 -12.89 22.44 -11.78
CA ASP C 17 -13.32 22.80 -10.41
C ASP C 17 -13.32 24.32 -10.32
N SER C 18 -13.61 24.88 -9.15
CA SER C 18 -13.67 26.32 -8.99
C SER C 18 -12.35 27.02 -9.29
N LEU C 19 -11.19 26.35 -9.16
CA LEU C 19 -9.95 27.03 -9.43
C LEU C 19 -9.39 26.90 -10.81
N GLY C 20 -9.78 25.88 -11.56
CA GLY C 20 -9.19 25.64 -12.86
C GLY C 20 -9.43 24.23 -13.34
N GLU C 21 -8.63 23.82 -14.31
CA GLU C 21 -8.75 22.60 -15.05
C GLU C 21 -7.45 21.78 -14.92
N ASN C 22 -7.58 20.47 -14.83
CA ASN C 22 -6.46 19.59 -14.67
C ASN C 22 -6.80 18.33 -15.37
N LYS C 23 -5.77 17.78 -15.97
CA LYS C 23 -5.74 16.43 -16.45
C LYS C 23 -5.25 15.53 -15.31
N ILE C 24 -6.13 14.66 -14.88
CA ILE C 24 -5.82 13.82 -13.72
C ILE C 24 -5.82 12.38 -14.12
N PRO C 25 -4.70 11.69 -13.85
CA PRO C 25 -4.66 10.26 -14.20
C PRO C 25 -5.69 9.45 -13.42
N LYS C 26 -6.24 8.44 -14.10
CA LYS C 26 -7.09 7.48 -13.40
C LYS C 26 -6.19 6.75 -12.43
N ASN C 27 -6.72 6.45 -11.26
CA ASN C 27 -6.02 5.67 -10.27
C ASN C 27 -4.68 6.32 -9.84
N PRO C 28 -4.67 7.61 -9.46
CA PRO C 28 -3.39 8.24 -9.09
C PRO C 28 -2.76 7.53 -7.90
N SER C 29 -1.47 7.28 -8.01
CA SER C 29 -0.79 6.40 -7.10
C SER C 29 0.15 7.13 -6.17
N LYS C 30 0.25 8.45 -6.32
CA LYS C 30 1.11 9.29 -5.47
C LYS C 30 0.40 10.62 -5.15
N VAL C 31 -0.46 10.60 -4.15
CA VAL C 31 -1.28 11.73 -3.90
C VAL C 31 -0.80 12.43 -2.65
N VAL C 32 -0.60 13.75 -2.76
CA VAL C 32 -0.44 14.61 -1.57
C VAL C 32 -1.76 15.22 -1.19
N ILE C 33 -2.15 15.14 0.09
CA ILE C 33 -3.41 15.57 0.47
C ILE C 33 -3.25 16.60 1.59
N LEU C 34 -3.77 17.81 1.38
CA LEU C 34 -3.58 18.95 2.25
C LEU C 34 -4.85 19.25 3.00
N ASP C 35 -5.96 18.54 2.74
CA ASP C 35 -7.23 18.68 3.47
C ASP C 35 -7.40 17.44 4.31
N LEU C 36 -7.56 17.61 5.62
CA LEU C 36 -7.67 16.52 6.50
C LEU C 36 -8.97 15.73 6.34
N GLY C 37 -10.06 16.40 6.00
CA GLY C 37 -11.30 15.66 5.72
C GLY C 37 -11.17 14.75 4.53
N ILE C 38 -10.48 15.23 3.50
CA ILE C 38 -10.27 14.37 2.33
C ILE C 38 -9.35 13.15 2.63
N LEU C 39 -8.37 13.37 3.48
CA LEU C 39 -7.54 12.33 3.97
C LEU C 39 -8.38 11.27 4.67
N ASP C 40 -9.35 11.70 5.43
CA ASP C 40 -10.21 10.74 6.11
C ASP C 40 -11.13 9.96 5.13
N THR C 41 -11.52 10.58 4.03
CA THR C 41 -12.29 9.93 2.95
C THR C 41 -11.43 8.89 2.23
N PHE C 42 -10.18 9.22 1.97
CA PHE C 42 -9.20 8.21 1.49
C PHE C 42 -9.10 6.98 2.41
N ASP C 43 -9.13 7.20 3.71
CA ASP C 43 -9.14 6.10 4.63
C ASP C 43 -10.45 5.29 4.57
N ALA C 44 -11.59 5.96 4.47
CA ALA C 44 -12.87 5.30 4.49
C ALA C 44 -13.04 4.46 3.26
N LEU C 45 -12.44 4.91 2.14
CA LEU C 45 -12.40 4.11 0.88
C LEU C 45 -11.27 3.09 0.75
N LYS C 46 -10.38 2.99 1.72
CA LYS C 46 -9.18 2.13 1.76
C LYS C 46 -8.25 2.48 0.67
N LEU C 47 -7.99 3.77 0.51
CA LEU C 47 -7.06 4.26 -0.48
C LEU C 47 -5.82 4.79 0.23
N ASN C 48 -5.52 4.28 1.42
CA ASN C 48 -4.34 4.67 2.17
C ASN C 48 -3.01 4.54 1.45
N ASP C 49 -2.87 3.46 0.68
CA ASP C 49 -1.68 3.28 -0.12
C ASP C 49 -1.48 4.23 -1.30
N LYS C 50 -2.46 5.04 -1.65
CA LYS C 50 -2.30 6.00 -2.73
C LYS C 50 -1.61 7.30 -2.21
N VAL C 51 -1.61 7.47 -0.89
CA VAL C 51 -1.16 8.67 -0.23
C VAL C 51 0.34 8.72 0.05
N VAL C 52 1.02 9.78 -0.40
CA VAL C 52 2.43 9.92 -0.17
C VAL C 52 2.82 11.18 0.54
N GLY C 53 1.89 12.06 0.86
CA GLY C 53 2.24 13.22 1.67
C GLY C 53 1.05 13.70 2.40
N VAL C 54 1.24 14.03 3.67
CA VAL C 54 0.17 14.57 4.50
C VAL C 54 0.71 15.75 5.34
N PRO C 55 -0.16 16.63 5.82
CA PRO C 55 0.33 17.76 6.61
C PRO C 55 0.54 17.32 8.05
N ALA C 56 1.70 16.71 8.27
CA ALA C 56 1.96 16.01 9.56
C ALA C 56 1.98 16.96 10.71
N LYS C 57 2.31 18.23 10.48
CA LYS C 57 2.25 19.19 11.59
C LYS C 57 0.86 19.41 12.14
N ASN C 58 -0.22 19.13 11.40
CA ASN C 58 -1.56 19.26 11.92
C ASN C 58 -2.33 17.96 11.86
N LEU C 59 -1.65 16.82 11.86
CA LEU C 59 -2.32 15.53 11.68
C LEU C 59 -3.06 15.23 12.99
N PRO C 60 -4.38 15.09 12.96
CA PRO C 60 -5.13 14.86 14.17
C PRO C 60 -5.04 13.44 14.67
N LYS C 61 -5.51 13.30 15.90
CA LYS C 61 -5.55 11.99 16.58
C LYS C 61 -6.28 10.94 15.83
N TYR C 62 -7.39 11.28 15.21
CA TYR C 62 -8.22 10.26 14.56
C TYR C 62 -7.56 9.82 13.21
N LEU C 63 -6.47 10.45 12.82
CA LEU C 63 -5.80 10.17 11.53
C LEU C 63 -4.41 9.70 11.78
N GLN C 64 -4.13 9.16 12.98
CA GLN C 64 -2.77 8.74 13.31
C GLN C 64 -2.24 7.53 12.54
N GLN C 65 -3.07 6.78 11.89
CA GLN C 65 -2.63 5.73 10.94
C GLN C 65 -1.85 6.32 9.79
N PHE C 66 -1.84 7.66 9.63
CA PHE C 66 -1.04 8.35 8.56
C PHE C 66 0.28 8.93 9.06
N LYS C 67 0.59 8.64 10.31
CA LYS C 67 1.82 9.19 10.90
C LYS C 67 3.14 8.70 10.31
N ASN C 68 3.15 7.67 9.48
CA ASN C 68 4.37 7.24 8.79
C ASN C 68 4.46 7.77 7.38
N LYS C 69 3.44 8.52 6.89
CA LYS C 69 3.52 9.12 5.58
C LYS C 69 4.49 10.24 5.67
N PRO C 70 5.14 10.54 4.57
CA PRO C 70 5.98 11.72 4.53
C PRO C 70 5.19 13.00 4.80
N SER C 71 5.84 13.94 5.45
CA SER C 71 5.19 15.19 5.83
C SER C 71 5.42 16.26 4.73
N VAL C 72 4.36 17.01 4.39
CA VAL C 72 4.49 18.12 3.50
C VAL C 72 4.19 19.43 4.25
N GLY C 73 4.36 19.37 5.55
CA GLY C 73 4.27 20.46 6.49
C GLY C 73 2.93 20.50 7.18
N GLY C 74 2.29 21.64 7.11
CA GLY C 74 1.07 21.95 7.87
C GLY C 74 0.04 22.38 6.88
N VAL C 75 -1.21 22.48 7.32
CA VAL C 75 -2.27 22.95 6.46
C VAL C 75 -2.10 24.40 5.91
N GLN C 76 -1.44 25.22 6.66
CA GLN C 76 -1.03 26.59 6.29
C GLN C 76 0.43 26.65 5.93
N GLN C 77 1.28 25.96 6.70
CA GLN C 77 2.71 25.97 6.48
C GLN C 77 3.03 24.86 5.45
N VAL C 78 2.67 25.11 4.21
CA VAL C 78 2.87 24.16 3.14
C VAL C 78 4.29 24.15 2.68
N ASP C 79 4.91 22.98 2.74
CA ASP C 79 6.32 22.83 2.40
C ASP C 79 6.49 22.39 0.96
N PHE C 80 6.68 23.35 0.09
CA PHE C 80 6.66 23.10 -1.33
C PHE C 80 7.78 22.20 -1.78
N GLU C 81 8.93 22.38 -1.16
CA GLU C 81 10.15 21.58 -1.42
C GLU C 81 9.94 20.12 -1.14
N ALA C 82 9.31 19.80 0.00
CA ALA C 82 8.98 18.40 0.34
C ALA C 82 7.93 17.81 -0.64
N ILE C 83 6.98 18.64 -1.07
CA ILE C 83 5.97 18.21 -2.04
C ILE C 83 6.63 17.85 -3.37
N ASN C 84 7.48 18.76 -3.85
CA ASN C 84 8.21 18.57 -5.10
C ASN C 84 9.13 17.30 -5.01
N ALA C 85 9.80 17.05 -3.88
CA ALA C 85 10.71 15.90 -3.76
C ALA C 85 9.92 14.55 -3.87
N LEU C 86 8.65 14.56 -3.48
CA LEU C 86 7.82 13.32 -3.50
C LEU C 86 7.41 13.01 -4.93
N LYS C 87 7.41 14.01 -5.81
CA LYS C 87 7.04 13.84 -7.22
C LYS C 87 5.63 13.29 -7.35
N PRO C 88 4.64 14.01 -6.82
CA PRO C 88 3.29 13.41 -6.79
C PRO C 88 2.66 13.43 -8.15
N ASP C 89 1.66 12.61 -8.36
CA ASP C 89 0.84 12.73 -9.54
C ASP C 89 -0.44 13.49 -9.32
N LEU C 90 -0.77 13.83 -8.05
CA LEU C 90 -1.95 14.61 -7.74
C LEU C 90 -1.78 15.25 -6.34
N ILE C 91 -2.14 16.52 -6.24
CA ILE C 91 -2.23 17.28 -5.01
C ILE C 91 -3.67 17.70 -4.81
N ILE C 92 -4.25 17.41 -3.62
CA ILE C 92 -5.61 17.71 -3.30
C ILE C 92 -5.64 18.76 -2.20
N ILE C 93 -6.33 19.87 -2.47
CA ILE C 93 -6.39 21.05 -1.63
C ILE C 93 -7.77 21.50 -1.36
N SER C 94 -7.97 22.24 -0.27
CA SER C 94 -9.21 22.95 -0.14
C SER C 94 -8.90 24.45 0.15
N GLY C 95 -9.82 25.12 0.85
CA GLY C 95 -9.81 26.58 0.99
C GLY C 95 -8.55 27.14 1.59
N ARG C 96 -7.94 26.46 2.55
CA ARG C 96 -6.64 26.93 3.10
C ARG C 96 -5.46 27.06 2.12
N GLN C 97 -5.48 26.30 1.03
CA GLN C 97 -4.41 26.32 0.08
C GLN C 97 -4.71 26.94 -1.27
N SER C 98 -5.92 27.50 -1.46
CA SER C 98 -6.32 28.30 -2.64
C SER C 98 -5.24 29.30 -3.02
N LYS C 99 -4.74 29.98 -2.03
CA LYS C 99 -3.73 31.01 -2.19
C LYS C 99 -2.38 30.45 -2.69
N PHE C 100 -2.19 29.10 -2.62
CA PHE C 100 -1.00 28.49 -3.10
C PHE C 100 -1.19 27.73 -4.43
N TYR C 101 -2.38 27.80 -5.00
CA TYR C 101 -2.78 26.96 -6.13
C TYR C 101 -1.82 27.05 -7.31
N ASP C 102 -1.49 28.24 -7.80
CA ASP C 102 -0.51 28.35 -8.93
C ASP C 102 0.84 27.62 -8.67
N LYS C 103 1.38 27.72 -7.46
CA LYS C 103 2.62 27.13 -7.12
C LYS C 103 2.51 25.60 -6.99
N LEU C 104 1.45 25.13 -6.39
CA LEU C 104 1.20 23.66 -6.38
C LEU C 104 1.00 23.10 -7.78
N LYS C 105 0.22 23.83 -8.58
CA LYS C 105 -0.05 23.42 -9.98
C LYS C 105 1.19 23.27 -10.86
N GLU C 106 2.24 24.01 -10.55
CA GLU C 106 3.58 23.84 -11.17
C GLU C 106 4.24 22.51 -10.81
N ILE C 107 3.88 21.90 -9.70
CA ILE C 107 4.42 20.57 -9.29
C ILE C 107 3.59 19.45 -9.89
N ALA C 108 2.29 19.51 -9.74
CA ALA C 108 1.46 18.40 -10.16
C ALA C 108 0.04 18.88 -10.34
N PRO C 109 -0.83 18.13 -11.04
CA PRO C 109 -2.23 18.45 -11.10
C PRO C 109 -2.82 18.65 -9.70
N THR C 110 -3.56 19.71 -9.52
CA THR C 110 -3.99 20.12 -8.15
C THR C 110 -5.47 20.25 -8.18
N LEU C 111 -6.14 19.39 -7.40
CA LEU C 111 -7.56 19.23 -7.38
C LEU C 111 -8.10 20.04 -6.18
N PHE C 112 -9.07 20.91 -6.41
CA PHE C 112 -9.72 21.73 -5.37
C PHE C 112 -11.02 21.11 -4.91
N VAL C 113 -11.08 20.74 -3.63
CA VAL C 113 -12.26 20.12 -3.06
C VAL C 113 -12.65 20.90 -1.79
N GLY C 114 -13.06 22.14 -2.06
CA GLY C 114 -13.50 23.09 -1.06
C GLY C 114 -14.90 22.79 -0.62
N LEU C 115 -15.22 23.17 0.60
CA LEU C 115 -16.64 23.17 1.01
C LEU C 115 -17.31 24.51 0.76
N ASP C 116 -18.56 24.48 0.33
CA ASP C 116 -19.36 25.69 0.19
C ASP C 116 -20.22 25.91 1.41
N ASN C 117 -19.91 26.92 2.21
CA ASN C 117 -20.66 27.21 3.49
C ASN C 117 -22.17 27.42 3.32
N ALA C 118 -22.55 27.85 2.11
CA ALA C 118 -23.96 28.08 1.69
C ALA C 118 -24.60 26.87 1.08
N ASN C 119 -23.85 25.78 0.96
CA ASN C 119 -24.33 24.60 0.30
C ASN C 119 -23.53 23.34 0.73
N PHE C 120 -23.48 23.12 2.02
CA PHE C 120 -22.62 22.11 2.57
C PHE C 120 -22.83 20.75 2.01
N LEU C 121 -24.02 20.17 2.08
CA LEU C 121 -24.14 18.76 1.78
C LEU C 121 -23.86 18.46 0.31
N SER C 122 -24.31 19.35 -0.55
CA SER C 122 -24.11 19.19 -1.99
C SER C 122 -22.57 19.23 -2.33
N SER C 123 -21.86 20.19 -1.78
CA SER C 123 -20.43 20.30 -2.05
C SER C 123 -19.68 19.14 -1.37
N PHE C 124 -20.02 18.79 -0.12
CA PHE C 124 -19.53 17.55 0.50
C PHE C 124 -19.68 16.26 -0.40
N GLU C 125 -20.86 16.05 -0.92
CA GLU C 125 -21.11 14.89 -1.74
C GLU C 125 -20.34 14.93 -3.05
N ASN C 126 -20.27 16.09 -3.62
CA ASN C 126 -19.45 16.30 -4.86
C ASN C 126 -17.93 16.00 -4.60
N ASN C 127 -17.40 16.38 -3.43
CA ASN C 127 -15.98 16.14 -3.12
C ASN C 127 -15.73 14.66 -3.00
N VAL C 128 -16.58 13.95 -2.22
CA VAL C 128 -16.49 12.52 -2.04
C VAL C 128 -16.59 11.76 -3.34
N LEU C 129 -17.58 12.09 -4.15
CA LEU C 129 -17.82 11.40 -5.40
C LEU C 129 -16.77 11.64 -6.48
N SER C 130 -16.23 12.83 -6.52
CA SER C 130 -15.17 13.18 -7.45
C SER C 130 -13.88 12.41 -7.15
N VAL C 131 -13.52 12.29 -5.86
CA VAL C 131 -12.36 11.52 -5.44
C VAL C 131 -12.61 10.05 -5.75
N ALA C 132 -13.78 9.54 -5.40
CA ALA C 132 -14.11 8.15 -5.61
C ALA C 132 -14.08 7.80 -7.10
N LYS C 133 -14.47 8.73 -7.92
CA LYS C 133 -14.52 8.52 -9.36
C LYS C 133 -13.14 8.32 -9.98
N LEU C 134 -12.11 8.92 -9.38
CA LEU C 134 -10.74 8.73 -9.82
C LEU C 134 -10.36 7.28 -9.74
N TYR C 135 -10.89 6.58 -8.78
CA TYR C 135 -10.53 5.23 -8.51
C TYR C 135 -11.59 4.20 -8.93
N GLY C 136 -12.67 4.65 -9.56
CA GLY C 136 -13.80 3.73 -9.89
C GLY C 136 -14.62 3.27 -8.68
N LEU C 137 -14.65 4.09 -7.63
CA LEU C 137 -15.36 3.73 -6.40
C LEU C 137 -16.70 4.46 -6.11
N GLU C 138 -17.29 5.05 -7.13
CA GLU C 138 -18.55 5.81 -7.02
C GLU C 138 -19.69 5.10 -6.30
N LYS C 139 -19.92 3.84 -6.65
CA LYS C 139 -20.94 3.03 -5.94
C LYS C 139 -20.73 2.92 -4.45
N GLU C 140 -19.52 2.59 -4.06
CA GLU C 140 -19.21 2.46 -2.63
C GLU C 140 -19.36 3.78 -1.92
N ALA C 141 -18.89 4.85 -2.58
CA ALA C 141 -19.01 6.19 -2.02
C ALA C 141 -20.48 6.61 -1.84
N LEU C 142 -21.29 6.40 -2.90
CA LEU C 142 -22.78 6.61 -2.73
C LEU C 142 -23.39 5.88 -1.53
N GLU C 143 -22.96 4.66 -1.25
CA GLU C 143 -23.46 3.93 -0.11
C GLU C 143 -23.05 4.60 1.16
N LYS C 144 -21.81 5.09 1.23
CA LYS C 144 -21.41 5.79 2.44
C LYS C 144 -22.14 7.10 2.61
N ILE C 145 -22.40 7.82 1.51
CA ILE C 145 -23.17 9.08 1.54
C ILE C 145 -24.63 8.81 2.04
N SER C 146 -25.23 7.76 1.49
CA SER C 146 -26.56 7.26 1.92
C SER C 146 -26.61 6.96 3.45
N ASP C 147 -25.58 6.34 4.02
CA ASP C 147 -25.49 6.18 5.48
C ASP C 147 -25.41 7.53 6.23
N ILE C 148 -24.64 8.46 5.70
CA ILE C 148 -24.57 9.79 6.31
C ILE C 148 -25.91 10.49 6.31
N LYS C 149 -26.63 10.42 5.20
CA LYS C 149 -27.98 11.08 5.13
C LYS C 149 -28.94 10.47 6.14
N ASN C 150 -28.87 9.16 6.28
CA ASN C 150 -29.59 8.37 7.29
C ASN C 150 -29.25 8.87 8.70
N GLU C 151 -27.97 8.98 9.03
CA GLU C 151 -27.52 9.54 10.31
C GLU C 151 -28.00 10.96 10.56
N ILE C 152 -28.02 11.79 9.50
CA ILE C 152 -28.56 13.14 9.59
C ILE C 152 -30.05 13.14 9.97
N GLU C 153 -30.82 12.28 9.34
CA GLU C 153 -32.26 12.17 9.68
C GLU C 153 -32.47 11.74 11.14
N LYS C 154 -31.72 10.77 11.62
CA LYS C 154 -31.88 10.34 13.01
C LYS C 154 -31.54 11.47 13.94
N ALA C 155 -30.47 12.20 13.65
CA ALA C 155 -30.09 13.32 14.47
C ALA C 155 -31.13 14.43 14.44
N LYS C 156 -31.62 14.76 13.27
CA LYS C 156 -32.68 15.81 13.12
C LYS C 156 -34.01 15.50 13.86
N SER C 157 -34.42 14.23 13.88
CA SER C 157 -35.73 13.87 14.50
C SER C 157 -35.80 14.09 16.03
N ILE C 158 -34.64 14.19 16.66
CA ILE C 158 -34.47 14.27 18.10
C ILE C 158 -34.31 15.73 18.57
N VAL C 159 -34.26 16.66 17.61
CA VAL C 159 -34.02 18.07 17.91
C VAL C 159 -35.32 18.67 18.47
N ASP C 160 -35.17 19.41 19.57
CA ASP C 160 -36.22 20.23 20.19
C ASP C 160 -36.37 21.59 19.48
N GLU C 161 -37.41 21.79 18.64
CA GLU C 161 -37.48 23.07 17.84
C GLU C 161 -37.59 24.40 18.62
N ASP C 162 -38.08 24.33 19.87
CA ASP C 162 -38.19 25.50 20.74
C ASP C 162 -36.87 25.89 21.41
N LYS C 163 -35.84 25.05 21.29
CA LYS C 163 -34.51 25.42 21.76
C LYS C 163 -33.62 26.08 20.68
N LYS C 164 -32.63 26.83 21.15
CA LYS C 164 -31.85 27.70 20.31
C LYS C 164 -30.40 27.61 20.70
N ALA C 165 -29.52 27.40 19.71
CA ALA C 165 -28.06 27.32 19.95
C ALA C 165 -27.32 28.58 19.49
N LEU C 166 -26.23 28.87 20.18
CA LEU C 166 -25.25 29.79 19.71
C LEU C 166 -23.94 28.98 19.45
N ILE C 167 -23.31 29.27 18.31
CA ILE C 167 -22.00 28.74 17.95
C ILE C 167 -20.91 29.75 18.15
N ILE C 168 -19.88 29.37 18.91
CA ILE C 168 -18.76 30.25 19.15
C ILE C 168 -17.43 29.61 18.94
N LEU C 169 -16.54 30.44 18.43
CA LEU C 169 -15.14 30.14 18.23
C LEU C 169 -14.29 30.98 19.17
N THR C 170 -13.44 30.33 19.92
CA THR C 170 -12.53 31.01 20.83
C THR C 170 -11.14 30.94 20.33
N ASN C 171 -10.51 32.09 20.37
CA ASN C 171 -9.19 32.28 19.79
C ASN C 171 -8.42 33.28 20.66
N SER C 172 -7.26 32.88 21.14
CA SER C 172 -6.61 33.54 22.25
C SER C 172 -7.76 33.72 23.31
N ASN C 173 -7.90 34.86 23.98
CA ASN C 173 -9.13 35.08 24.80
C ASN C 173 -10.35 35.72 24.11
N LYS C 174 -10.31 35.90 22.78
CA LYS C 174 -11.45 36.48 22.00
C LYS C 174 -12.55 35.47 21.65
N ILE C 175 -13.80 35.87 21.70
CA ILE C 175 -14.93 35.06 21.32
C ILE C 175 -15.52 35.68 20.06
N SER C 176 -15.84 34.83 19.07
CA SER C 176 -16.74 35.22 17.98
C SER C 176 -17.81 34.23 17.76
N ALA C 177 -18.93 34.74 17.30
CA ALA C 177 -20.13 34.00 17.03
C ALA C 177 -20.21 33.68 15.57
N PHE C 178 -20.87 32.58 15.25
CA PHE C 178 -21.10 32.13 13.87
C PHE C 178 -22.53 31.65 13.80
N GLY C 179 -23.12 31.78 12.63
CA GLY C 179 -24.51 31.47 12.44
C GLY C 179 -24.77 30.60 11.23
N PRO C 180 -26.01 30.56 10.78
CA PRO C 180 -26.30 29.79 9.59
C PRO C 180 -25.36 30.15 8.42
N GLN C 181 -25.06 29.14 7.62
CA GLN C 181 -24.30 29.34 6.38
C GLN C 181 -22.88 29.83 6.67
N SER C 182 -22.36 29.49 7.85
CA SER C 182 -20.95 29.78 8.19
C SER C 182 -20.16 28.48 8.04
N ARG C 183 -18.88 28.54 8.41
CA ARG C 183 -18.03 27.33 8.39
C ARG C 183 -18.46 26.27 9.42
N PHE C 184 -19.25 26.66 10.43
CA PHE C 184 -19.82 25.70 11.39
C PHE C 184 -21.34 25.57 11.17
N GLY C 185 -21.83 26.12 10.09
CA GLY C 185 -23.27 26.18 9.84
C GLY C 185 -24.11 24.94 9.78
N ILE C 186 -23.51 23.77 9.57
CA ILE C 186 -24.29 22.56 9.52
C ILE C 186 -25.14 22.27 10.76
N ILE C 187 -24.68 22.73 11.92
CA ILE C 187 -25.48 22.67 13.13
C ILE C 187 -26.87 23.26 12.86
N HIS C 188 -26.95 24.42 12.19
CA HIS C 188 -28.26 25.03 11.89
C HIS C 188 -28.82 24.52 10.54
N ASP C 189 -27.98 24.47 9.51
CA ASP C 189 -28.42 24.29 8.13
C ASP C 189 -28.76 22.87 7.78
N VAL C 190 -28.06 21.90 8.38
CA VAL C 190 -28.24 20.52 8.08
C VAL C 190 -28.95 19.80 9.22
N LEU C 191 -28.56 20.07 10.47
CA LEU C 191 -29.08 19.28 11.58
C LEU C 191 -30.30 19.96 12.17
N GLY C 192 -30.67 21.14 11.67
CA GLY C 192 -31.92 21.81 12.01
C GLY C 192 -32.03 22.43 13.38
N ILE C 193 -30.91 22.71 14.03
CA ILE C 193 -30.94 23.29 15.37
C ILE C 193 -31.10 24.78 15.24
N ASN C 194 -32.04 25.36 15.99
CA ASN C 194 -32.42 26.75 15.71
C ASN C 194 -31.35 27.67 16.28
N ALA C 195 -31.15 28.79 15.60
CA ALA C 195 -30.14 29.80 15.97
C ALA C 195 -30.72 30.95 16.85
N VAL C 196 -29.97 31.39 17.85
CA VAL C 196 -30.38 32.56 18.66
C VAL C 196 -30.25 33.91 17.92
N ASP C 197 -29.26 34.00 17.04
CA ASP C 197 -29.04 35.14 16.17
C ASP C 197 -28.95 34.67 14.71
N GLU C 198 -30.03 34.88 13.95
CA GLU C 198 -30.06 34.70 12.50
C GLU C 198 -29.48 35.94 11.74
N ASN C 199 -29.16 37.04 12.46
CA ASN C 199 -28.52 38.27 11.91
C ASN C 199 -27.01 38.41 12.25
N ILE C 200 -26.29 37.30 12.08
CA ILE C 200 -24.83 37.25 12.11
C ILE C 200 -24.33 37.34 10.66
N LYS C 201 -23.59 38.41 10.34
CA LYS C 201 -22.86 38.50 9.07
C LYS C 201 -21.99 37.24 8.83
N VAL C 202 -22.33 36.50 7.76
CA VAL C 202 -21.43 35.45 7.20
C VAL C 202 -20.75 36.05 5.97
N GLY C 203 -19.74 35.36 5.45
CA GLY C 203 -18.81 35.91 4.46
C GLY C 203 -17.78 36.78 5.16
N THR C 204 -17.48 36.46 6.42
CA THR C 204 -16.59 37.26 7.26
C THR C 204 -15.85 36.34 8.27
N HIS C 205 -15.31 36.92 9.35
CA HIS C 205 -14.61 36.18 10.42
C HIS C 205 -15.48 36.00 11.68
N GLY C 206 -16.80 35.86 11.51
CA GLY C 206 -17.70 35.84 12.67
C GLY C 206 -17.86 37.18 13.37
N LYS C 207 -18.91 37.26 14.16
CA LYS C 207 -19.24 38.48 14.92
C LYS C 207 -18.46 38.45 16.22
N SER C 208 -17.60 39.44 16.41
CA SER C 208 -16.84 39.58 17.62
C SER C 208 -17.77 39.86 18.79
N ILE C 209 -17.65 39.10 19.89
CA ILE C 209 -18.64 39.13 20.98
C ILE C 209 -17.93 38.96 22.33
N ASN C 210 -18.73 39.07 23.39
CA ASN C 210 -18.21 38.94 24.76
C ASN C 210 -19.25 38.19 25.54
N SER C 211 -18.92 37.88 26.79
CA SER C 211 -19.81 37.12 27.67
C SER C 211 -21.14 37.80 27.96
N GLU C 212 -21.16 39.14 27.91
CA GLU C 212 -22.36 39.96 28.11
C GLU C 212 -23.39 39.68 27.02
N PHE C 213 -22.93 39.71 25.75
CA PHE C 213 -23.75 39.30 24.60
C PHE C 213 -24.37 37.92 24.78
N ILE C 214 -23.57 36.99 25.32
CA ILE C 214 -24.00 35.62 25.51
C ILE C 214 -25.18 35.49 26.47
N LEU C 215 -25.06 36.10 27.65
CA LEU C 215 -26.20 36.12 28.61
C LEU C 215 -27.45 36.79 28.00
N GLU C 216 -27.25 37.91 27.31
CA GLU C 216 -28.34 38.64 26.63
C GLU C 216 -29.14 37.74 25.66
N LYS C 217 -28.46 36.95 24.82
CA LYS C 217 -29.17 36.08 23.90
C LYS C 217 -29.70 34.85 24.61
N ASN C 218 -29.01 34.46 25.69
CA ASN C 218 -29.43 33.34 26.56
C ASN C 218 -29.78 32.01 25.83
N PRO C 219 -28.76 31.45 25.12
CA PRO C 219 -28.99 30.22 24.41
C PRO C 219 -29.22 29.07 25.34
N ASP C 220 -30.02 28.10 24.91
CA ASP C 220 -30.13 26.77 25.54
C ASP C 220 -28.91 25.83 25.32
N TYR C 221 -28.23 25.96 24.16
CA TYR C 221 -26.98 25.27 23.92
C TYR C 221 -25.92 26.28 23.46
N ILE C 222 -24.68 26.09 23.85
CA ILE C 222 -23.57 26.89 23.28
C ILE C 222 -22.58 25.86 22.71
N PHE C 223 -22.37 25.90 21.39
CA PHE C 223 -21.40 24.97 20.76
C PHE C 223 -20.12 25.70 20.56
N VAL C 224 -19.08 25.20 21.19
CA VAL C 224 -17.83 25.90 21.28
C VAL C 224 -16.82 25.20 20.37
N VAL C 225 -16.15 25.96 19.50
CA VAL C 225 -14.99 25.43 18.80
C VAL C 225 -13.77 26.20 19.28
N ASP C 226 -12.83 25.49 19.87
CA ASP C 226 -11.66 26.08 20.47
C ASP C 226 -10.45 26.02 19.54
N ARG C 227 -10.28 27.09 18.79
CA ARG C 227 -9.17 27.24 17.87
C ARG C 227 -7.82 27.22 18.54
N ASN C 228 -7.75 27.66 19.81
CA ASN C 228 -6.52 27.59 20.54
C ASN C 228 -5.90 26.24 20.52
N VAL C 229 -6.71 25.18 20.49
CA VAL C 229 -6.20 23.82 20.52
C VAL C 229 -5.47 23.54 19.20
N ILE C 230 -6.03 23.99 18.09
CA ILE C 230 -5.37 23.72 16.80
C ILE C 230 -4.09 24.54 16.68
N LEU C 231 -4.10 25.77 17.20
CA LEU C 231 -2.95 26.69 17.06
C LEU C 231 -1.81 26.39 18.01
N GLY C 232 -2.09 25.69 19.09
CA GLY C 232 -1.08 25.46 20.10
C GLY C 232 -0.92 26.59 21.08
N ASN C 233 -1.88 27.52 21.16
CA ASN C 233 -1.92 28.54 22.25
C ASN C 233 -2.29 27.90 23.59
N LYS C 234 -2.07 28.60 24.69
CA LYS C 234 -2.31 27.98 26.02
C LYS C 234 -3.73 28.25 26.52
N GLU C 235 -4.34 29.36 26.10
CA GLU C 235 -5.73 29.65 26.46
C GLU C 235 -6.71 28.59 25.97
N ARG C 236 -7.78 28.42 26.73
CA ARG C 236 -8.76 27.37 26.48
C ARG C 236 -10.14 27.96 26.66
N ALA C 237 -11.08 27.54 25.80
CA ALA C 237 -12.44 27.99 25.92
C ALA C 237 -12.98 27.80 27.32
N GLN C 238 -12.61 26.71 27.98
CA GLN C 238 -13.16 26.37 29.34
C GLN C 238 -12.85 27.47 30.34
N GLY C 239 -11.63 27.99 30.27
CA GLY C 239 -11.23 29.15 31.09
C GLY C 239 -11.93 30.44 30.69
N ILE C 240 -12.06 30.67 29.37
CA ILE C 240 -12.68 31.88 28.85
C ILE C 240 -14.11 31.97 29.26
N LEU C 241 -14.81 30.86 29.25
CA LEU C 241 -16.25 30.87 29.53
C LEU C 241 -16.57 30.62 31.00
N ASP C 242 -15.55 30.59 31.85
CA ASP C 242 -15.72 30.37 33.31
C ASP C 242 -15.85 31.72 34.04
N ASN C 243 -17.04 32.30 33.95
CA ASN C 243 -17.33 33.64 34.41
C ASN C 243 -18.83 33.78 34.66
N ALA C 244 -19.18 34.86 35.35
CA ALA C 244 -20.44 34.98 36.04
C ALA C 244 -21.56 35.18 35.06
N LEU C 245 -21.28 35.88 33.98
CA LEU C 245 -22.29 36.14 32.97
C LEU C 245 -22.69 34.86 32.26
N VAL C 246 -21.69 34.10 31.74
CA VAL C 246 -21.99 32.80 31.06
C VAL C 246 -22.69 31.79 31.99
N ALA C 247 -22.30 31.79 33.27
CA ALA C 247 -22.88 30.87 34.26
C ALA C 247 -24.39 31.00 34.51
N LYS C 248 -24.92 32.19 34.26
CA LYS C 248 -26.37 32.49 34.44
C LYS C 248 -27.26 31.96 33.31
N THR C 249 -26.65 31.48 32.21
CA THR C 249 -27.35 31.06 31.01
C THR C 249 -28.00 29.71 31.15
N LYS C 250 -29.09 29.53 30.40
CA LYS C 250 -29.77 28.26 30.33
C LYS C 250 -28.75 27.14 29.99
N ALA C 251 -27.86 27.41 29.02
CA ALA C 251 -26.85 26.44 28.64
C ALA C 251 -25.94 26.01 29.80
N ALA C 252 -25.35 26.95 30.50
CA ALA C 252 -24.46 26.61 31.60
C ALA C 252 -25.17 25.79 32.70
N GLN C 253 -26.43 26.13 33.00
CA GLN C 253 -27.20 25.44 34.06
C GLN C 253 -27.59 24.02 33.69
N ASN C 254 -27.87 23.82 32.41
CA ASN C 254 -28.19 22.48 31.91
C ASN C 254 -27.02 21.64 31.43
N LYS C 255 -25.79 22.15 31.62
CA LYS C 255 -24.54 21.52 31.13
C LYS C 255 -24.59 21.27 29.59
N LYS C 256 -25.08 22.29 28.89
CA LYS C 256 -25.14 22.34 27.45
C LYS C 256 -24.16 23.37 26.84
N ILE C 257 -23.03 23.57 27.49
CA ILE C 257 -21.84 24.18 26.87
C ILE C 257 -21.04 23.00 26.33
N ILE C 258 -21.01 22.86 24.99
CA ILE C 258 -20.46 21.65 24.34
C ILE C 258 -19.16 22.03 23.64
N TYR C 259 -18.10 21.38 24.08
CA TYR C 259 -16.77 21.62 23.62
C TYR C 259 -16.55 20.70 22.45
N LEU C 260 -16.89 21.18 21.26
CA LEU C 260 -16.80 20.34 20.05
C LEU C 260 -15.36 20.06 19.73
N ASP C 261 -15.04 18.87 19.30
CA ASP C 261 -13.66 18.52 19.10
C ASP C 261 -13.13 19.38 17.83
N PRO C 262 -12.19 20.26 18.03
CA PRO C 262 -11.78 21.20 16.95
C PRO C 262 -11.04 20.50 15.81
N GLU C 263 -10.52 19.29 16.01
CA GLU C 263 -9.86 18.57 14.92
C GLU C 263 -10.86 18.24 13.82
N TYR C 264 -12.07 17.90 14.22
CA TYR C 264 -13.15 17.74 13.25
C TYR C 264 -13.72 19.06 12.82
N TRP C 265 -14.09 19.92 13.77
CA TRP C 265 -14.90 21.11 13.42
C TRP C 265 -14.14 22.25 12.74
N TYR C 266 -12.87 22.42 13.15
CA TYR C 266 -12.06 23.53 12.69
C TYR C 266 -11.14 23.02 11.60
N LEU C 267 -10.50 21.88 11.81
CA LEU C 267 -9.42 21.42 10.90
C LEU C 267 -9.94 20.65 9.73
N ALA C 268 -10.60 19.56 10.02
CA ALA C 268 -11.22 18.79 8.94
C ALA C 268 -12.38 19.55 8.31
N SER C 269 -13.10 20.33 9.15
CA SER C 269 -14.33 21.07 8.72
C SER C 269 -15.48 20.25 8.22
N GLY C 270 -15.48 18.96 8.55
CA GLY C 270 -16.48 18.02 8.11
C GLY C 270 -16.34 17.63 6.65
N ASN C 271 -15.17 17.88 6.04
CA ASN C 271 -14.99 17.61 4.59
C ASN C 271 -14.51 16.18 4.33
N GLY C 272 -14.86 15.24 5.24
CA GLY C 272 -14.66 13.81 5.01
C GLY C 272 -15.79 12.89 5.47
N LEU C 273 -15.82 11.70 4.91
CA LEU C 273 -16.74 10.63 5.30
C LEU C 273 -16.68 10.32 6.80
N GLU C 274 -15.47 10.24 7.35
CA GLU C 274 -15.32 9.90 8.77
C GLU C 274 -15.55 11.04 9.68
N SER C 275 -15.00 12.21 9.37
CA SER C 275 -15.22 13.36 10.22
C SER C 275 -16.70 13.78 10.24
N LEU C 276 -17.36 13.83 9.09
CA LEU C 276 -18.78 14.26 9.10
C LEU C 276 -19.66 13.35 9.99
N LYS C 277 -19.47 12.07 9.84
CA LYS C 277 -20.30 11.08 10.52
C LYS C 277 -20.06 11.24 12.04
N THR C 278 -18.78 11.35 12.44
CA THR C 278 -18.46 11.66 13.84
C THR C 278 -19.00 12.97 14.34
N MET C 279 -18.95 14.01 13.52
CA MET C 279 -19.58 15.31 13.88
C MET C 279 -21.11 15.32 14.10
N ILE C 280 -21.84 14.65 13.23
CA ILE C 280 -23.27 14.45 13.41
C ILE C 280 -23.55 13.77 14.78
N LEU C 281 -22.91 12.65 15.04
CA LEU C 281 -23.04 11.95 16.32
C LEU C 281 -22.71 12.81 17.55
N GLU C 282 -21.68 13.66 17.46
CA GLU C 282 -21.36 14.59 18.51
C GLU C 282 -22.53 15.59 18.77
N ILE C 283 -23.15 16.11 17.74
CA ILE C 283 -24.24 17.04 17.90
C ILE C 283 -25.43 16.25 18.46
N LYS C 284 -25.67 15.05 17.90
CA LYS C 284 -26.77 14.19 18.33
C LYS C 284 -26.67 13.85 19.85
N ASN C 285 -25.51 13.40 20.31
CA ASN C 285 -25.28 13.18 21.75
C ASN C 285 -25.36 14.43 22.61
N ALA C 286 -25.00 15.60 22.09
CA ALA C 286 -25.15 16.83 22.85
C ALA C 286 -26.58 17.18 23.15
N VAL C 287 -27.49 16.96 22.17
CA VAL C 287 -28.88 17.45 22.32
C VAL C 287 -29.98 16.43 22.59
N LYS C 288 -29.72 15.14 22.50
CA LYS C 288 -30.81 14.17 22.72
C LYS C 288 -31.28 14.23 24.20
FE FE D . 27.93 1.19 -5.09
IR IR E . 34.23 -2.74 -5.77
OAH 95B F . 27.86 0.58 -3.15
CBA 95B F . 26.65 0.68 -2.55
CAY 95B F . 25.60 1.09 -3.38
OAF 95B F . 25.94 1.29 -4.69
CAL 95B F . 24.35 1.32 -2.83
CAJ 95B F . 24.13 1.07 -1.48
CAN 95B F . 25.14 0.60 -0.68
CBC 95B F . 26.44 0.42 -1.18
CAW 95B F . 27.51 -0.15 -0.29
OAC 95B F . 27.24 -0.39 0.89
N 95B F . 28.67 -0.51 -0.88
CA 95B F . 29.74 -1.32 -0.28
C 95B F . 31.05 -0.51 -0.19
OXT 95B F . 30.98 0.56 0.46
CB 95B F . 29.97 -2.67 -1.03
CAP 95B F . 29.98 -2.63 -2.57
CAO 95B F . 29.66 -4.01 -3.18
CAQ 95B F . 29.88 -4.23 -4.67
NAS 95B F . 29.20 -3.24 -5.49
CAV 95B F . 28.53 -3.53 -6.62
OAB 95B F . 28.39 -4.69 -7.01
CBB 95B F . 28.04 -2.40 -7.46
CAM 95B F . 27.66 -2.60 -8.80
CAI 95B F . 27.27 -1.54 -9.59
CAK 95B F . 27.20 -0.24 -9.05
CAX 95B F . 27.59 -0.02 -7.74
OAE 95B F . 27.63 1.20 -7.11
CAZ 95B F . 28.00 -1.08 -6.94
OAG 95B F . 28.32 -0.76 -5.65
N1 9RT G . 32.30 -0.66 -0.54
C1 9RT G . 33.74 -0.68 -0.89
C2 9RT G . 34.09 -1.57 -2.08
C3 9RT G . 34.74 -1.05 -3.18
C4 9RT G . 35.05 -1.87 -4.26
C5 9RT G . 34.74 -3.22 -4.22
S1 9RT G . 35.12 -4.24 -5.60
O1 9RT G . 36.53 -4.16 -5.86
O2 9RT G . 34.50 -5.53 -5.43
N2 9RT G . 34.38 -3.56 -6.86
C6 9RT G . 33.32 -2.60 -6.60
C7 9RT G . 32.39 -2.46 -7.77
C8 9RT G . 31.47 -1.42 -7.82
C9 9RT G . 30.64 -1.34 -8.92
C10 9RT G . 30.72 -2.30 -9.91
C11 9RT G . 31.66 -3.29 -9.77
N3 9RT G . 32.47 -3.39 -8.71
C12 9RT G . 34.07 -3.75 -3.13
C13 9RT G . 33.76 -2.92 -2.07
IR1 RIR H . 34.40 -3.32 -8.78
C17 RIR H . 34.76 -3.50 -10.75
C18 RIR H . 33.71 -4.29 -10.38
C19 RIR H . 34.15 -5.18 -9.44
C20 RIR H . 35.48 -4.93 -9.21
C21 RIR H . 35.86 -3.89 -10.02
C22 RIR H . 34.73 -2.40 -11.76
C23 RIR H . 32.31 -4.21 -10.93
C24 RIR H . 33.32 -6.23 -8.76
C25 RIR H . 36.36 -5.66 -8.25
C26 RIR H . 37.24 -3.30 -10.10
P PO4 I . 19.08 20.38 13.22
O1 PO4 I . 18.46 19.41 14.22
O2 PO4 I . 18.02 20.86 12.25
O3 PO4 I . 20.20 19.69 12.49
O4 PO4 I . 19.64 21.53 14.05
OXT 7PG J . 2.51 -11.48 7.61
C1 7PG J . 2.87 -10.11 7.27
C2 7PG J . 4.37 -9.82 7.08
O1 7PG J . 4.72 -9.45 5.72
C3 7PG J . 6.12 -9.22 5.51
C4 7PG J . 6.86 -10.52 5.16
O2 7PG J . 7.94 -10.30 4.23
C5 7PG J . 8.99 -11.26 4.30
C6 7PG J . 9.94 -10.95 5.48
O3 7PG J . 9.94 -12.01 6.44
C7 7PG J . 10.82 -13.09 6.13
C8 7PG J . 10.61 -14.16 7.19
O4 7PG J . 10.61 -15.48 6.64
C9 7PG J . 9.41 -16.25 6.73
C10 7PG J . 9.22 -16.96 8.08
O5 7PG J . 8.09 -17.82 8.06
C11 7PG J . 6.79 -17.34 8.45
C12 7PG J . 6.52 -17.56 9.95
O6 7PG J . 5.57 -16.58 10.42
C13 7PG J . 4.74 -15.60 11.07
C14 7PG J . 5.13 -14.52 12.07
O7 7PG J . 5.90 -13.33 11.83
FE FE K . -7.92 -23.74 17.99
IR IR L . -18.06 -27.99 18.52
IR IR M . -15.26 -24.35 20.74
IR IR N . -13.64 -24.05 21.91
P PO4 O . -57.23 -35.27 2.25
O1 PO4 O . -57.32 -36.68 2.79
O2 PO4 O . -58.53 -34.96 1.54
O3 PO4 O . -56.06 -35.11 1.29
O4 PO4 O . -57.07 -34.34 3.42
FE FE P . -7.75 29.02 10.00
IR IR Q . -7.85 36.47 8.35
IR IR R . -11.33 40.15 10.80
OAH 95B S . -5.91 29.40 10.57
CBA 95B S . -5.08 28.37 10.78
CAY 95B S . -5.65 27.13 10.53
OAF 95B S . -6.90 27.23 9.98
CAL 95B S . -4.99 25.98 10.82
CAJ 95B S . -3.69 26.05 11.29
CAN 95B S . -3.13 27.26 11.54
CBC 95B S . -3.82 28.46 11.32
CAW 95B S . -3.08 29.76 11.46
OAC 95B S . -1.90 29.75 11.76
N 95B S . -3.68 30.87 11.04
CA 95B S . -2.98 32.13 10.77
C 95B S . -3.74 33.33 11.37
OXT 95B S . -5.01 33.23 11.39
CB 95B S . -2.86 32.34 9.26
CAP 95B S . -4.17 32.26 8.49
CAO 95B S . -3.97 32.41 6.99
CAQ 95B S . -5.19 32.59 6.19
NAS 95B S . -6.16 31.53 6.42
CAV 95B S . -6.83 30.92 5.44
OAB 95B S . -6.55 31.11 4.24
CBB 95B S . -7.92 29.99 5.86
CAM 95B S . -8.86 29.53 4.92
CAI 95B S . -9.87 28.69 5.28
CAK 95B S . -10.02 28.27 6.61
CAX 95B S . -9.16 28.75 7.58
OAE 95B S . -9.30 28.44 8.91
CAZ 95B S . -8.12 29.59 7.20
OAG 95B S . -7.27 29.92 8.20
N1 9RT T . -3.25 34.51 11.28
C1 9RT T . -4.08 35.74 11.47
C2 9RT T . -4.92 36.11 10.26
C3 9RT T . -6.23 36.54 10.43
C4 9RT T . -6.99 36.91 9.34
C5 9RT T . -6.46 36.83 8.06
S1 9RT T . -7.42 37.30 6.65
O1 9RT T . -7.95 38.61 6.93
O2 9RT T . -6.59 37.09 5.50
N2 9RT T . -8.73 36.33 6.51
C6 9RT T . -8.50 34.90 6.52
C7 9RT T . -9.75 34.06 6.65
C8 9RT T . -9.67 32.77 7.16
C9 9RT T . -10.83 32.03 7.25
C10 9RT T . -12.01 32.58 6.85
C11 9RT T . -11.99 33.87 6.33
N3 9RT T . -10.88 34.62 6.22
C12 9RT T . -5.14 36.42 7.88
C13 9RT T . -4.37 36.07 8.99
IR1 RIR U . -10.59 36.61 5.78
C17 RIR U . -12.10 36.70 4.45
C18 RIR U . -11.04 36.00 3.91
C19 RIR U . -9.97 36.83 3.86
C20 RIR U . -10.34 38.05 4.37
C21 RIR U . -11.66 37.97 4.73
C22 RIR U . -13.51 36.22 4.66
C23 RIR U . -11.07 34.59 3.40
C24 RIR U . -8.60 36.48 3.32
C25 RIR U . -9.47 39.27 4.50
C26 RIR U . -12.49 39.08 5.31
P PO4 V . 2.97 3.92 4.79
O1 PO4 V . 3.29 2.44 4.71
O2 PO4 V . 1.83 4.15 5.73
O3 PO4 V . 2.81 4.55 3.35
O4 PO4 V . 4.24 4.63 5.27
#